data_6HCL
#
_entry.id   6HCL
#
_cell.length_a   103.423
_cell.length_b   200.016
_cell.length_c   63.323
_cell.angle_alpha   90.00
_cell.angle_beta   90.00
_cell.angle_gamma   90.00
#
_symmetry.space_group_name_H-M   'P 21 21 2'
#
loop_
_entity.id
_entity.type
_entity.pdbx_description
1 polymer 'Major facilitator superfamily MFS_1'
2 non-polymer '(2S)-2-HYDROXYPROPANOIC ACID'
3 non-polymer 'nonyl beta-D-glucopyranoside'
#
_entity_poly.entity_id   1
_entity_poly.type   'polypeptide(L)'
_entity_poly.pdbx_seq_one_letter_code
;MADQQTTMPRWVPLLLGLLGSTTCGMLLYAWSVFIKPLNAEFGWSRAEIAMAFAICCLIFGLMTFPAGRLSDKMGPRKVV
MTGGVLLAIGFILSGFIQSKYQLYITYGVIAGFGGGMIYLPPIATAPKWWPDRRALATGFAVVGLGLGSFLMGPLATYII
EKPGMGWRYVFWYCGVAMGIMALIAGAFLEPPPAGWKPAGYTPPAPPAGAAAPKVTRDWTYEEAKGDTKFWLLYLAYFCG
SFAGLMVIGHLAGFGRDAGLTAMAAAGAVSSLAFSNAATRILSGWFVDKIGIRVYFAALFALQTAAMIAIFQLGGSVVGL
SIVAIVIGWNYGAMFTLFPATCLQFYGPTAQGSNYGLLFTACGLAGFAGPWVGGWLKDTTGTYYLPFLCAAALCALGTAI
VFMTKPPEKKHALELEVLFQ
;
_entity_poly.pdbx_strand_id   A,B
#
loop_
_chem_comp.id
_chem_comp.type
_chem_comp.name
_chem_comp.formula
2OP non-polymer '(2S)-2-HYDROXYPROPANOIC ACID' 'C3 H6 O3'
BNG D-saccharide 'nonyl beta-D-glucopyranoside' 'C15 H30 O6'
#
# COMPACT_ATOMS: atom_id res chain seq x y z
N THR A 7 22.71 41.15 16.55
CA THR A 7 21.53 40.45 16.05
C THR A 7 20.72 39.83 17.20
N MET A 8 20.10 38.68 16.94
CA MET A 8 19.31 37.97 17.93
C MET A 8 19.79 36.53 18.05
N PRO A 9 19.65 35.93 19.23
CA PRO A 9 20.16 34.57 19.41
C PRO A 9 19.40 33.58 18.54
N ARG A 10 20.13 32.56 18.08
CA ARG A 10 19.58 31.59 17.15
C ARG A 10 18.58 30.66 17.81
N TRP A 11 18.43 30.70 19.14
CA TRP A 11 17.42 29.88 19.79
C TRP A 11 16.03 30.53 19.77
N VAL A 12 15.96 31.84 19.51
CA VAL A 12 14.65 32.50 19.40
C VAL A 12 13.76 31.85 18.34
N PRO A 13 14.25 31.55 17.13
CA PRO A 13 13.38 30.86 16.15
C PRO A 13 12.80 29.56 16.66
N LEU A 14 13.53 28.85 17.52
CA LEU A 14 12.99 27.63 18.13
C LEU A 14 11.75 27.94 18.98
N LEU A 15 11.84 28.97 19.81
CA LEU A 15 10.67 29.34 20.60
C LEU A 15 9.53 29.80 19.70
N LEU A 16 9.86 30.52 18.63
CA LEU A 16 8.83 30.97 17.70
C LEU A 16 8.09 29.79 17.07
N GLY A 17 8.84 28.82 16.53
CA GLY A 17 8.21 27.63 15.97
C GLY A 17 7.44 26.84 17.00
N LEU A 18 7.94 26.82 18.24
CA LEU A 18 7.18 26.20 19.32
C LEU A 18 5.83 26.88 19.48
N LEU A 19 5.81 28.21 19.53
CA LEU A 19 4.58 28.97 19.65
C LEU A 19 3.63 28.70 18.47
N GLY A 20 4.15 28.82 17.25
CA GLY A 20 3.30 28.63 16.07
C GLY A 20 2.74 27.22 15.97
N SER A 21 3.60 26.22 16.16
CA SER A 21 3.15 24.84 16.11
C SER A 21 2.21 24.52 17.26
N THR A 22 2.34 25.20 18.40
CA THR A 22 1.39 24.99 19.50
C THR A 22 0.02 25.56 19.15
N THR A 23 -0.01 26.73 18.50
CA THR A 23 -1.26 27.25 17.95
C THR A 23 -1.91 26.26 16.99
N CYS A 24 -1.11 25.71 16.06
CA CYS A 24 -1.65 24.72 15.11
C CYS A 24 -2.18 23.49 15.85
N GLY A 25 -1.50 23.08 16.91
CA GLY A 25 -1.98 21.95 17.69
C GLY A 25 -3.30 22.25 18.37
N MET A 26 -3.45 23.46 18.89
CA MET A 26 -4.75 23.86 19.45
C MET A 26 -5.85 23.78 18.40
N LEU A 27 -5.55 24.26 17.18
CA LEU A 27 -6.53 24.19 16.09
C LEU A 27 -6.94 22.75 15.80
N LEU A 28 -5.96 21.84 15.78
CA LEU A 28 -6.27 20.44 15.45
C LEU A 28 -6.98 19.72 16.60
N TYR A 29 -6.64 20.02 17.85
CA TYR A 29 -7.28 19.41 19.01
C TYR A 29 -8.68 19.94 19.28
N ALA A 30 -9.05 21.09 18.69
CA ALA A 30 -10.34 21.69 19.03
C ALA A 30 -11.52 20.76 18.74
N TRP A 31 -11.52 20.08 17.59
CA TRP A 31 -12.73 19.36 17.17
C TRP A 31 -13.10 18.26 18.16
N SER A 32 -12.10 17.64 18.80
CA SER A 32 -12.41 16.57 19.75
C SER A 32 -13.13 17.12 20.97
N VAL A 33 -12.73 18.30 21.44
CA VAL A 33 -13.43 18.94 22.56
C VAL A 33 -14.83 19.36 22.11
N PHE A 34 -14.99 19.72 20.83
CA PHE A 34 -16.28 20.20 20.38
C PHE A 34 -17.25 19.10 19.94
N ILE A 35 -16.82 17.84 19.84
CA ILE A 35 -17.72 16.79 19.36
C ILE A 35 -18.98 16.71 20.22
N LYS A 36 -18.80 16.58 21.54
CA LYS A 36 -19.96 16.46 22.43
C LYS A 36 -20.81 17.72 22.48
N PRO A 37 -20.25 18.93 22.69
CA PRO A 37 -21.11 20.13 22.78
C PRO A 37 -21.88 20.41 21.50
N LEU A 38 -21.24 20.26 20.34
CA LEU A 38 -21.89 20.59 19.08
C LEU A 38 -23.05 19.65 18.79
N ASN A 39 -22.87 18.36 19.07
CA ASN A 39 -23.98 17.41 18.94
C ASN A 39 -25.09 17.72 19.92
N ALA A 40 -24.75 18.29 21.08
CA ALA A 40 -25.78 18.66 22.04
C ALA A 40 -26.85 19.58 21.44
N GLU A 41 -26.49 20.44 20.49
CA GLU A 41 -27.47 21.36 19.88
C GLU A 41 -28.00 20.88 18.53
N SER A 45 -24.68 14.87 14.41
CA SER A 45 -24.02 13.57 14.25
C SER A 45 -22.51 13.71 14.38
N ARG A 46 -21.87 12.69 14.98
CA ARG A 46 -20.42 12.75 15.15
C ARG A 46 -19.71 12.79 13.80
N ALA A 47 -20.14 11.95 12.85
CA ALA A 47 -19.56 11.98 11.51
C ALA A 47 -19.76 13.34 10.83
N GLU A 48 -20.94 13.93 11.00
CA GLU A 48 -21.19 15.26 10.44
C GLU A 48 -20.20 16.28 10.99
N ILE A 49 -19.86 16.16 12.28
CA ILE A 49 -18.86 17.05 12.87
C ILE A 49 -17.47 16.72 12.33
N ALA A 50 -17.13 15.43 12.24
CA ALA A 50 -15.82 15.03 11.76
C ALA A 50 -15.58 15.49 10.34
N MET A 51 -16.63 15.76 9.57
CA MET A 51 -16.43 16.32 8.24
C MET A 51 -15.73 17.68 8.31
N ALA A 52 -16.04 18.50 9.33
CA ALA A 52 -15.35 19.77 9.49
C ALA A 52 -13.86 19.56 9.75
N PHE A 53 -13.53 18.57 10.58
CA PHE A 53 -12.13 18.30 10.85
C PHE A 53 -11.42 17.80 9.59
N ALA A 54 -12.07 16.94 8.81
CA ALA A 54 -11.47 16.46 7.57
C ALA A 54 -11.21 17.61 6.61
N ILE A 55 -12.18 18.52 6.47
CA ILE A 55 -11.97 19.72 5.68
C ILE A 55 -10.77 20.51 6.20
N CYS A 56 -10.68 20.64 7.52
CA CYS A 56 -9.59 21.42 8.11
C CYS A 56 -8.24 20.81 7.78
N CYS A 57 -8.14 19.48 7.90
CA CYS A 57 -6.90 18.79 7.58
C CYS A 57 -6.53 18.98 6.12
N LEU A 58 -7.52 18.85 5.23
CA LEU A 58 -7.26 19.02 3.81
C LEU A 58 -6.75 20.43 3.52
N ILE A 59 -7.44 21.44 4.05
CA ILE A 59 -7.08 22.83 3.77
C ILE A 59 -5.70 23.14 4.32
N PHE A 60 -5.45 22.74 5.56
CA PHE A 60 -4.15 22.88 6.21
C PHE A 60 -3.03 22.30 5.35
N GLY A 61 -3.14 20.99 5.06
CA GLY A 61 -2.10 20.30 4.33
C GLY A 61 -1.89 20.82 2.91
N LEU A 62 -2.96 21.35 2.29
CA LEU A 62 -2.75 21.94 0.97
C LEU A 62 -2.15 23.34 1.08
N MET A 63 -2.65 24.17 2.01
CA MET A 63 -2.17 25.53 2.15
C MET A 63 -0.73 25.61 2.60
N THR A 64 -0.12 24.53 3.08
CA THR A 64 1.33 24.62 3.29
C THR A 64 2.06 24.99 2.00
N PHE A 65 1.72 24.35 0.86
CA PHE A 65 2.40 24.58 -0.42
C PHE A 65 2.41 26.07 -0.80
N PRO A 66 1.27 26.76 -0.92
CA PRO A 66 1.35 28.21 -1.17
C PRO A 66 2.06 28.94 -0.06
N ALA A 67 1.86 28.53 1.20
CA ALA A 67 2.57 29.15 2.31
C ALA A 67 4.08 29.02 2.15
N GLY A 68 4.54 27.86 1.67
CA GLY A 68 5.97 27.69 1.46
C GLY A 68 6.48 28.54 0.32
N ARG A 69 5.77 28.55 -0.81
CA ARG A 69 6.20 29.40 -1.92
C ARG A 69 6.26 30.87 -1.49
N LEU A 70 5.23 31.34 -0.79
CA LEU A 70 5.22 32.75 -0.39
C LEU A 70 6.29 33.05 0.65
N SER A 71 6.56 32.10 1.56
CA SER A 71 7.64 32.29 2.51
C SER A 71 8.98 32.41 1.79
N ASP A 72 9.23 31.55 0.81
CA ASP A 72 10.47 31.61 0.04
C ASP A 72 10.57 32.93 -0.72
N LYS A 73 9.45 33.45 -1.23
CA LYS A 73 9.49 34.61 -2.11
C LYS A 73 9.56 35.92 -1.32
N MET A 74 8.59 36.17 -0.44
CA MET A 74 8.49 37.43 0.28
C MET A 74 8.79 37.30 1.78
N GLY A 75 9.48 36.24 2.19
CA GLY A 75 9.81 36.09 3.60
C GLY A 75 8.72 35.40 4.39
N PRO A 76 9.09 34.83 5.55
CA PRO A 76 8.13 34.02 6.32
C PRO A 76 7.23 34.82 7.27
N ARG A 77 7.66 36.02 7.64
CA ARG A 77 6.90 36.82 8.60
C ARG A 77 5.51 37.15 8.06
N LYS A 78 5.45 37.64 6.82
CA LYS A 78 4.17 37.96 6.18
C LYS A 78 3.26 36.74 6.18
N VAL A 79 3.80 35.58 5.82
CA VAL A 79 3.01 34.36 5.71
C VAL A 79 2.45 33.97 7.07
N VAL A 80 3.30 33.89 8.09
CA VAL A 80 2.82 33.44 9.40
C VAL A 80 1.81 34.42 9.98
N MET A 81 2.03 35.73 9.80
CA MET A 81 1.11 36.69 10.40
C MET A 81 -0.23 36.71 9.67
N THR A 82 -0.22 36.60 8.34
CA THR A 82 -1.45 36.37 7.61
C THR A 82 -2.16 35.11 8.09
N GLY A 83 -1.40 34.03 8.31
CA GLY A 83 -2.00 32.82 8.83
C GLY A 83 -2.63 33.03 10.19
N GLY A 84 -1.96 33.79 11.05
CA GLY A 84 -2.54 34.09 12.35
C GLY A 84 -3.85 34.83 12.21
N VAL A 85 -3.90 35.80 11.29
CA VAL A 85 -5.14 36.54 11.05
C VAL A 85 -6.23 35.60 10.56
N LEU A 86 -5.91 34.78 9.57
CA LEU A 86 -6.90 33.87 9.00
C LEU A 86 -7.41 32.88 10.04
N LEU A 87 -6.50 32.27 10.80
CA LEU A 87 -6.90 31.31 11.83
C LEU A 87 -7.72 31.97 12.92
N ALA A 88 -7.24 33.10 13.44
CA ALA A 88 -8.01 33.81 14.47
C ALA A 88 -9.41 34.13 13.97
N ILE A 89 -9.52 34.61 12.74
CA ILE A 89 -10.83 34.82 12.13
C ILE A 89 -11.61 33.52 12.07
N GLY A 90 -10.95 32.42 11.69
CA GLY A 90 -11.65 31.16 11.58
C GLY A 90 -12.22 30.70 12.90
N PHE A 91 -11.42 30.77 13.97
CA PHE A 91 -11.87 30.39 15.30
C PHE A 91 -12.94 31.31 15.87
N ILE A 92 -12.74 32.62 15.75
CA ILE A 92 -13.71 33.57 16.28
C ILE A 92 -15.03 33.47 15.52
N LEU A 93 -14.97 33.19 14.21
CA LEU A 93 -16.19 33.00 13.42
C LEU A 93 -16.81 31.62 13.65
N SER A 94 -15.98 30.61 13.93
CA SER A 94 -16.50 29.31 14.33
C SER A 94 -17.26 29.42 15.63
N GLY A 95 -16.93 30.42 16.45
CA GLY A 95 -17.69 30.65 17.66
C GLY A 95 -19.12 31.13 17.43
N PHE A 96 -19.35 31.88 16.34
CA PHE A 96 -20.65 32.48 16.05
C PHE A 96 -21.46 31.67 15.04
N ILE A 97 -21.27 30.35 14.98
CA ILE A 97 -21.87 29.53 13.93
C ILE A 97 -23.32 29.19 14.28
N GLN A 98 -24.08 28.81 13.25
CA GLN A 98 -25.44 28.31 13.41
C GLN A 98 -25.76 27.09 12.55
N SER A 99 -25.07 26.85 11.44
CA SER A 99 -25.34 25.71 10.58
C SER A 99 -24.10 24.85 10.39
N LYS A 100 -24.30 23.71 9.76
CA LYS A 100 -23.21 22.76 9.50
C LYS A 100 -22.17 23.36 8.54
N TYR A 101 -22.63 23.85 7.39
CA TYR A 101 -21.71 24.46 6.43
C TYR A 101 -20.96 25.65 7.04
N GLN A 102 -21.64 26.37 7.94
CA GLN A 102 -20.99 27.50 8.60
C GLN A 102 -19.72 27.07 9.30
N LEU A 103 -19.80 26.02 10.12
CA LEU A 103 -18.60 25.53 10.78
C LEU A 103 -17.61 24.98 9.77
N TYR A 104 -18.10 24.22 8.77
CA TYR A 104 -17.21 23.76 7.70
C TYR A 104 -16.31 24.90 7.21
N ILE A 105 -16.92 26.04 6.90
CA ILE A 105 -16.17 27.17 6.35
C ILE A 105 -15.28 27.79 7.42
N THR A 106 -15.85 28.19 8.55
CA THR A 106 -15.10 28.93 9.56
C THR A 106 -13.92 28.12 10.08
N TYR A 107 -14.19 26.91 10.56
CA TYR A 107 -13.14 26.07 11.14
C TYR A 107 -12.35 25.34 10.07
N GLY A 108 -13.02 24.60 9.19
CA GLY A 108 -12.31 23.79 8.22
C GLY A 108 -11.48 24.62 7.26
N VAL A 109 -12.09 25.65 6.67
CA VAL A 109 -11.43 26.38 5.59
C VAL A 109 -10.58 27.56 6.08
N ILE A 110 -11.22 28.56 6.71
CA ILE A 110 -10.49 29.74 7.17
C ILE A 110 -9.45 29.37 8.21
N ALA A 111 -9.91 28.73 9.30
CA ALA A 111 -8.98 28.35 10.36
C ALA A 111 -7.91 27.40 9.82
N GLY A 112 -8.30 26.42 9.00
CA GLY A 112 -7.32 25.51 8.42
C GLY A 112 -6.32 26.24 7.52
N PHE A 113 -6.80 27.20 6.75
CA PHE A 113 -5.95 28.01 5.89
C PHE A 113 -4.88 28.72 6.70
N GLY A 114 -5.33 29.52 7.68
CA GLY A 114 -4.39 30.19 8.55
C GLY A 114 -3.47 29.24 9.27
N GLY A 115 -3.96 28.05 9.63
CA GLY A 115 -3.13 27.09 10.33
C GLY A 115 -1.99 26.56 9.47
N GLY A 116 -2.28 26.23 8.22
CA GLY A 116 -1.21 25.81 7.32
C GLY A 116 -0.18 26.90 7.11
N MET A 117 -0.65 28.13 6.94
CA MET A 117 0.26 29.25 6.75
C MET A 117 1.11 29.52 7.99
N ILE A 118 0.59 29.22 9.18
CA ILE A 118 1.38 29.33 10.41
C ILE A 118 2.36 28.18 10.50
N TYR A 119 1.93 26.97 10.13
CA TYR A 119 2.71 25.77 10.37
C TYR A 119 3.99 25.77 9.56
N LEU A 120 3.91 26.09 8.27
CA LEU A 120 5.04 25.76 7.39
C LEU A 120 6.26 26.69 7.54
N PRO A 121 6.12 28.01 7.53
CA PRO A 121 7.32 28.88 7.46
C PRO A 121 8.29 28.66 8.61
N PRO A 122 7.84 28.39 9.84
CA PRO A 122 8.82 28.11 10.91
C PRO A 122 9.56 26.80 10.72
N ILE A 123 8.89 25.76 10.20
CA ILE A 123 9.59 24.53 9.87
C ILE A 123 10.70 24.80 8.87
N ALA A 124 10.45 25.72 7.93
CA ALA A 124 11.49 26.04 6.94
C ALA A 124 12.59 26.93 7.54
N THR A 125 12.26 27.76 8.53
CA THR A 125 13.16 28.79 9.03
C THR A 125 14.07 28.31 10.16
N ALA A 126 13.50 27.63 11.17
CA ALA A 126 14.27 27.23 12.34
C ALA A 126 15.56 26.47 12.03
N PRO A 127 15.60 25.55 11.06
CA PRO A 127 16.88 24.91 10.71
C PRO A 127 17.91 25.88 10.13
N LYS A 128 17.47 26.90 9.39
CA LYS A 128 18.41 27.86 8.84
C LYS A 128 19.27 28.51 9.92
N TRP A 129 18.76 28.59 11.14
CA TRP A 129 19.54 29.12 12.25
C TRP A 129 20.39 28.05 12.91
N TRP A 130 20.14 26.78 12.61
CA TRP A 130 20.82 25.66 13.25
C TRP A 130 21.33 24.73 12.16
N PRO A 131 22.34 25.17 11.40
CA PRO A 131 22.95 24.26 10.41
C PRO A 131 23.67 23.10 11.06
N ASP A 132 24.13 23.29 12.31
CA ASP A 132 24.74 22.21 13.08
C ASP A 132 23.71 21.24 13.64
N ARG A 133 22.46 21.68 13.83
CA ARG A 133 21.41 20.84 14.41
C ARG A 133 20.07 21.04 13.68
N ARG A 134 20.03 20.65 12.39
CA ARG A 134 18.84 20.94 11.60
C ARG A 134 17.62 20.18 12.09
N ALA A 135 17.76 18.86 12.29
CA ALA A 135 16.61 18.06 12.68
C ALA A 135 16.06 18.47 14.05
N LEU A 136 16.93 18.86 14.98
CA LEU A 136 16.43 19.34 16.27
C LEU A 136 15.63 20.63 16.11
N ALA A 137 16.16 21.59 15.34
CA ALA A 137 15.44 22.86 15.13
C ALA A 137 14.11 22.62 14.44
N THR A 138 14.09 21.75 13.43
CA THR A 138 12.84 21.38 12.79
C THR A 138 11.87 20.77 13.81
N GLY A 139 12.40 19.94 14.72
CA GLY A 139 11.56 19.38 15.75
C GLY A 139 10.94 20.46 16.62
N PHE A 140 11.70 21.51 16.92
CA PHE A 140 11.12 22.62 17.67
C PHE A 140 10.06 23.34 16.85
N ALA A 141 10.24 23.38 15.53
CA ALA A 141 9.23 24.01 14.69
C ALA A 141 7.96 23.18 14.60
N VAL A 142 8.02 21.88 14.92
CA VAL A 142 6.85 21.01 14.79
C VAL A 142 6.38 20.43 16.11
N VAL A 143 7.05 20.70 17.22
CA VAL A 143 6.67 20.04 18.47
C VAL A 143 5.41 20.63 19.08
N GLY A 144 5.02 21.83 18.67
CA GLY A 144 3.85 22.44 19.25
C GLY A 144 2.58 21.65 19.02
N LEU A 145 2.53 20.89 17.92
CA LEU A 145 1.32 20.15 17.60
C LEU A 145 1.08 19.01 18.58
N GLY A 146 2.14 18.46 19.16
CA GLY A 146 1.95 17.49 20.22
C GLY A 146 1.48 18.11 21.52
N LEU A 147 1.58 19.43 21.64
CA LEU A 147 1.25 20.13 22.86
C LEU A 147 -0.20 20.58 22.93
N GLY A 148 -0.87 20.71 21.77
CA GLY A 148 -2.21 21.27 21.74
C GLY A 148 -3.15 20.64 22.74
N SER A 149 -3.08 19.31 22.89
CA SER A 149 -3.93 18.63 23.87
C SER A 149 -3.58 19.08 25.28
N PHE A 150 -2.29 19.02 25.63
CA PHE A 150 -1.87 19.26 27.01
C PHE A 150 -2.25 20.66 27.48
N LEU A 151 -2.18 21.65 26.60
CA LEU A 151 -2.55 23.01 27.00
C LEU A 151 -4.05 23.24 26.87
N MET A 152 -4.66 22.78 25.78
CA MET A 152 -6.05 23.14 25.52
C MET A 152 -7.04 22.36 26.38
N GLY A 153 -6.81 21.06 26.60
CA GLY A 153 -7.80 20.23 27.23
C GLY A 153 -8.23 20.70 28.61
N PRO A 154 -7.29 20.95 29.52
CA PRO A 154 -7.69 21.57 30.78
C PRO A 154 -8.27 22.96 30.58
N LEU A 155 -7.72 23.74 29.64
CA LEU A 155 -8.24 25.06 29.35
C LEU A 155 -9.66 24.99 28.79
N ALA A 156 -9.89 24.08 27.83
CA ALA A 156 -11.22 23.95 27.24
C ALA A 156 -12.23 23.45 28.27
N THR A 157 -11.81 22.50 29.12
CA THR A 157 -12.70 22.04 30.19
C THR A 157 -13.02 23.18 31.15
N TYR A 158 -12.02 23.99 31.49
CA TYR A 158 -12.23 25.12 32.38
C TYR A 158 -13.24 26.10 31.79
N ILE A 159 -13.20 26.29 30.46
CA ILE A 159 -14.13 27.22 29.81
C ILE A 159 -15.54 26.62 29.71
N ILE A 160 -15.65 25.31 29.53
CA ILE A 160 -16.99 24.77 29.31
C ILE A 160 -17.56 24.21 30.61
N GLU A 161 -16.86 23.28 31.23
CA GLU A 161 -17.34 22.66 32.47
C GLU A 161 -17.39 23.68 33.59
N TRP A 167 -19.69 26.34 24.88
CA TRP A 167 -18.63 25.88 23.99
C TRP A 167 -18.13 26.99 23.08
N ARG A 168 -19.05 27.87 22.70
CA ARG A 168 -18.70 29.04 21.88
C ARG A 168 -17.58 29.86 22.53
N TYR A 169 -17.56 29.90 23.86
CA TYR A 169 -16.48 30.59 24.57
C TYR A 169 -15.13 30.00 24.21
N VAL A 170 -15.05 28.66 24.08
CA VAL A 170 -13.79 28.05 23.68
C VAL A 170 -13.36 28.56 22.31
N PHE A 171 -14.28 28.52 21.34
CA PHE A 171 -13.94 28.98 19.99
C PHE A 171 -13.42 30.42 20.03
N TRP A 172 -14.17 31.32 20.65
CA TRP A 172 -13.79 32.74 20.66
C TRP A 172 -12.47 32.99 21.38
N TYR A 173 -12.40 32.63 22.67
CA TYR A 173 -11.21 32.95 23.44
C TYR A 173 -9.98 32.22 22.91
N CYS A 174 -10.14 30.95 22.52
CA CYS A 174 -9.04 30.22 21.94
C CYS A 174 -8.61 30.83 20.62
N GLY A 175 -9.57 31.30 19.80
CA GLY A 175 -9.20 31.98 18.58
C GLY A 175 -8.39 33.24 18.84
N VAL A 176 -8.79 34.01 19.84
CA VAL A 176 -8.02 35.21 20.21
C VAL A 176 -6.61 34.82 20.65
N ALA A 177 -6.50 33.87 21.58
CA ALA A 177 -5.20 33.47 22.10
C ALA A 177 -4.31 32.90 20.99
N MET A 178 -4.89 32.14 20.06
CA MET A 178 -4.12 31.55 18.98
C MET A 178 -3.67 32.61 17.99
N GLY A 179 -4.56 33.52 17.61
CA GLY A 179 -4.14 34.66 16.83
C GLY A 179 -2.98 35.41 17.46
N ILE A 180 -3.04 35.61 18.77
CA ILE A 180 -1.99 36.33 19.48
C ILE A 180 -0.68 35.56 19.42
N MET A 181 -0.71 34.27 19.78
CA MET A 181 0.53 33.49 19.78
C MET A 181 1.12 33.41 18.37
N ALA A 182 0.27 33.27 17.35
CA ALA A 182 0.75 33.17 15.98
C ALA A 182 1.34 34.48 15.50
N LEU A 183 0.70 35.60 15.85
CA LEU A 183 1.28 36.90 15.48
C LEU A 183 2.59 37.14 16.20
N ILE A 184 2.72 36.70 17.46
CA ILE A 184 4.01 36.82 18.14
C ILE A 184 5.07 35.98 17.44
N ALA A 185 4.73 34.72 17.15
CA ALA A 185 5.69 33.83 16.52
C ALA A 185 6.14 34.37 15.18
N GLY A 186 5.18 34.85 14.36
CA GLY A 186 5.52 35.40 13.06
C GLY A 186 6.18 36.75 13.11
N ALA A 187 5.95 37.52 14.17
CA ALA A 187 6.50 38.87 14.27
C ALA A 187 8.02 38.86 14.32
N PHE A 188 8.59 37.94 15.10
CA PHE A 188 10.03 37.87 15.28
C PHE A 188 10.68 36.83 14.38
N LEU A 189 10.02 36.45 13.30
CA LEU A 189 10.45 35.32 12.47
C LEU A 189 11.02 35.84 11.16
N GLU A 190 12.25 35.45 10.87
CA GLU A 190 12.94 35.78 9.62
C GLU A 190 14.24 34.97 9.53
N PRO A 191 14.69 34.60 8.34
CA PRO A 191 15.92 33.82 8.21
C PRO A 191 17.13 34.63 8.65
N PRO A 192 18.31 34.01 8.76
CA PRO A 192 19.53 34.79 9.04
C PRO A 192 19.90 35.66 7.86
N PRO A 193 20.70 36.70 8.06
CA PRO A 193 21.08 37.57 6.94
C PRO A 193 21.94 36.84 5.92
N ALA A 194 21.76 37.23 4.65
CA ALA A 194 22.19 36.42 3.51
C ALA A 194 23.65 36.00 3.60
N GLY A 195 24.52 36.93 3.99
CA GLY A 195 25.94 36.66 3.99
C GLY A 195 26.41 35.71 5.08
N TRP A 196 26.36 36.16 6.33
CA TRP A 196 26.98 35.45 7.43
C TRP A 196 26.01 34.47 8.08
N LYS A 197 26.57 33.38 8.59
CA LYS A 197 25.79 32.31 9.19
C LYS A 197 26.24 32.09 10.63
N PRO A 198 25.30 32.08 11.60
CA PRO A 198 25.68 31.99 13.01
C PRO A 198 26.56 30.80 13.35
N ALA A 199 27.80 31.09 13.72
CA ALA A 199 28.77 30.09 14.12
C ALA A 199 29.39 30.51 15.44
N GLY A 200 30.12 29.58 16.05
CA GLY A 200 30.86 29.89 17.26
C GLY A 200 32.35 29.83 17.03
N ALA A 212 41.94 24.70 -8.29
CA ALA A 212 40.62 25.33 -8.30
C ALA A 212 39.54 24.41 -7.71
N PRO A 213 38.71 24.95 -6.82
CA PRO A 213 37.75 24.12 -6.08
C PRO A 213 36.41 23.93 -6.78
N LYS A 214 35.59 23.07 -6.20
CA LYS A 214 34.24 22.80 -6.67
C LYS A 214 33.24 23.50 -5.75
N VAL A 215 32.31 24.26 -6.33
CA VAL A 215 31.32 25.01 -5.58
C VAL A 215 29.97 24.32 -5.76
N THR A 216 29.46 23.71 -4.68
CA THR A 216 28.13 23.14 -4.72
C THR A 216 27.08 24.20 -4.41
N ARG A 217 25.82 23.80 -4.52
CA ARG A 217 24.70 24.71 -4.27
C ARG A 217 23.45 23.90 -3.96
N ASP A 218 22.48 24.58 -3.39
CA ASP A 218 21.20 24.00 -3.05
C ASP A 218 20.31 23.87 -4.28
N TRP A 219 19.47 22.85 -4.27
CA TRP A 219 18.58 22.62 -5.40
C TRP A 219 17.54 23.73 -5.48
N THR A 220 17.10 24.02 -6.69
CA THR A 220 15.98 24.92 -6.88
C THR A 220 14.69 24.16 -6.61
N TYR A 221 13.60 24.91 -6.40
CA TYR A 221 12.30 24.25 -6.26
C TYR A 221 11.90 23.51 -7.52
N GLU A 222 12.22 24.07 -8.70
CA GLU A 222 11.96 23.34 -9.94
C GLU A 222 12.85 22.11 -10.07
N GLU A 223 14.09 22.18 -9.60
CA GLU A 223 14.96 21.01 -9.66
C GLU A 223 14.53 19.94 -8.67
N ALA A 224 14.10 20.35 -7.48
CA ALA A 224 13.65 19.37 -6.49
C ALA A 224 12.31 18.77 -6.90
N LYS A 225 11.34 19.61 -7.26
CA LYS A 225 10.03 19.15 -7.70
C LYS A 225 10.13 18.22 -8.91
N GLY A 226 11.16 18.38 -9.73
CA GLY A 226 11.33 17.47 -10.84
C GLY A 226 12.08 16.20 -10.51
N ASP A 227 12.63 16.11 -9.30
CA ASP A 227 13.45 14.97 -8.90
C ASP A 227 12.57 13.79 -8.49
N THR A 228 13.04 12.58 -8.84
CA THR A 228 12.25 11.39 -8.59
C THR A 228 12.26 11.00 -7.12
N LYS A 229 13.37 11.22 -6.43
CA LYS A 229 13.44 10.89 -5.00
C LYS A 229 12.49 11.74 -4.19
N PHE A 230 12.25 12.99 -4.62
CA PHE A 230 11.26 13.82 -3.94
C PHE A 230 9.93 13.10 -3.90
N TRP A 231 9.52 12.49 -5.02
CA TRP A 231 8.23 11.81 -5.03
C TRP A 231 8.27 10.45 -4.38
N LEU A 232 9.43 9.77 -4.33
CA LEU A 232 9.51 8.60 -3.46
C LEU A 232 9.24 8.98 -2.02
N LEU A 233 9.84 10.10 -1.57
CA LEU A 233 9.57 10.60 -0.23
C LEU A 233 8.11 11.02 -0.09
N TYR A 234 7.55 11.66 -1.12
CA TYR A 234 6.14 12.02 -1.10
C TYR A 234 5.28 10.79 -0.90
N LEU A 235 5.57 9.72 -1.65
CA LEU A 235 4.80 8.50 -1.53
C LEU A 235 4.95 7.89 -0.15
N ALA A 236 6.17 7.85 0.37
CA ALA A 236 6.39 7.33 1.71
C ALA A 236 5.62 8.16 2.73
N TYR A 237 5.64 9.46 2.57
CA TYR A 237 4.93 10.31 3.50
C TYR A 237 3.46 10.02 3.45
N PHE A 238 2.88 9.99 2.26
CA PHE A 238 1.46 9.66 2.16
C PHE A 238 1.15 8.34 2.85
N CYS A 239 1.95 7.30 2.59
CA CYS A 239 1.66 6.00 3.18
C CYS A 239 1.71 6.06 4.70
N GLY A 240 2.75 6.66 5.25
CA GLY A 240 2.86 6.66 6.69
C GLY A 240 1.72 7.43 7.33
N SER A 241 1.49 8.66 6.86
CA SER A 241 0.40 9.48 7.38
C SER A 241 -0.94 8.77 7.27
N PHE A 242 -1.20 8.12 6.13
CA PHE A 242 -2.48 7.45 5.94
C PHE A 242 -2.65 6.30 6.93
N ALA A 243 -1.62 5.47 7.07
CA ALA A 243 -1.71 4.32 7.98
C ALA A 243 -1.97 4.77 9.42
N GLY A 244 -1.17 5.72 9.89
CA GLY A 244 -1.33 6.20 11.26
C GLY A 244 -2.72 6.78 11.50
N LEU A 245 -3.14 7.72 10.62
CA LEU A 245 -4.44 8.35 10.78
C LEU A 245 -5.57 7.33 10.61
N MET A 246 -5.33 6.27 9.85
CA MET A 246 -6.31 5.23 9.60
C MET A 246 -6.59 4.39 10.85
N VAL A 247 -5.59 4.16 11.69
CA VAL A 247 -5.76 3.25 12.84
C VAL A 247 -5.84 3.95 14.20
N ILE A 248 -5.31 5.16 14.35
CA ILE A 248 -5.21 5.73 15.71
C ILE A 248 -6.59 5.83 16.34
N GLY A 249 -7.58 6.29 15.59
CA GLY A 249 -8.94 6.35 16.10
C GLY A 249 -9.47 4.99 16.52
N HIS A 250 -8.94 3.91 15.93
CA HIS A 250 -9.39 2.57 16.25
C HIS A 250 -8.69 1.95 17.46
N LEU A 251 -7.58 2.52 17.93
CA LEU A 251 -6.86 1.87 19.04
C LEU A 251 -7.77 1.59 20.25
N ALA A 252 -8.47 2.62 20.73
CA ALA A 252 -9.27 2.44 21.95
C ALA A 252 -10.46 1.52 21.71
N GLY A 253 -11.08 1.62 20.53
CA GLY A 253 -12.15 0.69 20.20
C GLY A 253 -11.66 -0.75 20.15
N PHE A 254 -10.44 -0.96 19.63
CA PHE A 254 -9.87 -2.30 19.68
C PHE A 254 -9.78 -2.79 21.11
N GLY A 255 -9.26 -1.94 21.99
CA GLY A 255 -9.16 -2.32 23.40
C GLY A 255 -10.52 -2.69 24.00
N ARG A 256 -11.54 -1.88 23.73
CA ARG A 256 -12.88 -2.20 24.27
C ARG A 256 -13.40 -3.51 23.68
N ASP A 257 -13.17 -3.76 22.39
CA ASP A 257 -13.61 -5.03 21.81
C ASP A 257 -12.92 -6.21 22.48
N ALA A 258 -11.64 -6.06 22.81
CA ALA A 258 -10.88 -7.15 23.43
C ALA A 258 -11.39 -7.50 24.81
N GLY A 259 -12.19 -6.63 25.44
CA GLY A 259 -12.71 -6.91 26.77
C GLY A 259 -12.40 -5.85 27.81
N LEU A 260 -11.58 -4.85 27.48
CA LEU A 260 -11.27 -3.82 28.46
C LEU A 260 -12.47 -2.90 28.70
N THR A 261 -12.45 -2.25 29.86
CA THR A 261 -13.38 -1.17 30.12
C THR A 261 -12.99 0.04 29.28
N ALA A 262 -13.96 0.91 29.01
CA ALA A 262 -13.69 2.13 28.24
C ALA A 262 -12.64 2.98 28.92
N MET A 263 -12.73 3.10 30.25
CA MET A 263 -11.75 3.86 31.02
C MET A 263 -10.35 3.29 30.84
N ALA A 264 -10.21 1.96 30.93
CA ALA A 264 -8.86 1.38 30.83
C ALA A 264 -8.31 1.55 29.43
N ALA A 265 -9.10 1.23 28.40
CA ALA A 265 -8.64 1.40 27.03
C ALA A 265 -8.25 2.83 26.74
N ALA A 266 -9.06 3.79 27.21
CA ALA A 266 -8.76 5.20 26.96
C ALA A 266 -7.47 5.63 27.65
N GLY A 267 -7.29 5.23 28.91
CA GLY A 267 -6.02 5.47 29.59
C GLY A 267 -4.85 4.90 28.83
N ALA A 268 -4.98 3.67 28.36
CA ALA A 268 -3.90 3.03 27.61
C ALA A 268 -3.54 3.85 26.38
N VAL A 269 -4.54 4.20 25.56
CA VAL A 269 -4.24 4.94 24.33
C VAL A 269 -3.71 6.35 24.62
N SER A 270 -3.98 6.92 25.79
CA SER A 270 -3.56 8.31 26.02
C SER A 270 -2.04 8.49 26.03
N SER A 271 -1.25 7.44 26.27
CA SER A 271 0.20 7.61 26.22
C SER A 271 0.70 7.93 24.82
N LEU A 272 -0.14 7.68 23.80
CA LEU A 272 0.26 8.01 22.44
C LEU A 272 0.56 9.48 22.29
N ALA A 273 -0.13 10.35 23.05
CA ALA A 273 0.15 11.78 22.96
C ALA A 273 1.55 12.11 23.48
N PHE A 274 1.92 11.58 24.65
CA PHE A 274 3.26 11.77 25.18
C PHE A 274 4.32 11.32 24.18
N SER A 275 4.18 10.13 23.60
CA SER A 275 5.24 9.70 22.71
C SER A 275 5.25 10.53 21.42
N ASN A 276 4.07 10.84 20.89
CA ASN A 276 3.97 11.65 19.68
C ASN A 276 4.62 13.02 19.85
N ALA A 277 4.46 13.63 21.02
CA ALA A 277 5.14 14.90 21.28
C ALA A 277 6.64 14.72 21.45
N ALA A 278 7.05 13.79 22.35
CA ALA A 278 8.47 13.62 22.66
C ALA A 278 9.31 13.26 21.44
N THR A 279 8.76 12.40 20.56
CA THR A 279 9.55 11.90 19.44
C THR A 279 10.00 13.04 18.54
N ARG A 280 9.19 14.10 18.42
CA ARG A 280 9.52 15.19 17.51
C ARG A 280 10.83 15.86 17.88
N ILE A 281 11.15 15.92 19.17
CA ILE A 281 12.42 16.53 19.59
C ILE A 281 13.51 15.47 19.65
N LEU A 282 13.18 14.31 20.21
CA LEU A 282 14.20 13.27 20.45
C LEU A 282 14.72 12.69 19.13
N SER A 283 13.82 12.33 18.20
CA SER A 283 14.26 11.84 16.90
C SER A 283 15.06 12.89 16.16
N GLY A 284 14.66 14.16 16.27
CA GLY A 284 15.44 15.21 15.64
C GLY A 284 16.86 15.24 16.15
N TRP A 285 17.01 15.24 17.48
CA TRP A 285 18.35 15.22 18.07
C TRP A 285 19.12 13.95 17.70
N PHE A 286 18.43 12.82 17.73
CA PHE A 286 19.08 11.54 17.47
C PHE A 286 19.64 11.48 16.05
N VAL A 287 18.84 11.89 15.05
CA VAL A 287 19.34 11.85 13.67
C VAL A 287 20.32 12.98 13.40
N ASP A 288 20.21 14.10 14.11
CA ASP A 288 21.30 15.08 14.06
C ASP A 288 22.61 14.42 14.41
N LYS A 289 22.58 13.53 15.41
CA LYS A 289 23.82 12.89 15.83
C LYS A 289 24.24 11.69 14.97
N ILE A 290 23.33 10.86 14.44
CA ILE A 290 23.71 9.62 13.77
C ILE A 290 23.23 9.51 12.32
N GLY A 291 22.48 10.48 11.82
CA GLY A 291 21.98 10.37 10.47
C GLY A 291 20.52 9.90 10.43
N ILE A 292 19.88 10.16 9.31
CA ILE A 292 18.43 10.03 9.22
C ILE A 292 18.01 8.65 8.74
N ARG A 293 18.60 8.17 7.63
CA ARG A 293 17.95 7.18 6.79
C ARG A 293 17.63 5.90 7.55
N VAL A 294 18.60 5.35 8.28
CA VAL A 294 18.40 4.04 8.91
C VAL A 294 17.45 4.15 10.10
N TYR A 295 17.63 5.14 10.95
CA TYR A 295 16.69 5.33 12.07
C TYR A 295 15.27 5.54 11.55
N PHE A 296 15.12 6.34 10.49
CA PHE A 296 13.81 6.59 9.89
C PHE A 296 13.19 5.30 9.37
N ALA A 297 13.96 4.54 8.59
CA ALA A 297 13.47 3.28 8.07
C ALA A 297 13.11 2.33 9.20
N ALA A 298 13.90 2.36 10.28
CA ALA A 298 13.63 1.49 11.42
C ALA A 298 12.29 1.83 12.04
N LEU A 299 12.05 3.12 12.27
CA LEU A 299 10.77 3.57 12.84
C LEU A 299 9.59 3.11 11.99
N PHE A 300 9.72 3.23 10.66
CA PHE A 300 8.66 2.71 9.79
C PHE A 300 8.48 1.20 9.98
N ALA A 301 9.59 0.45 10.02
CA ALA A 301 9.46 -0.99 10.25
C ALA A 301 8.75 -1.25 11.57
N LEU A 302 9.09 -0.47 12.58
CA LEU A 302 8.50 -0.66 13.90
C LEU A 302 7.00 -0.39 13.86
N GLN A 303 6.60 0.63 13.10
CA GLN A 303 5.18 0.91 12.89
C GLN A 303 4.49 -0.24 12.19
N THR A 304 5.14 -0.83 11.18
CA THR A 304 4.60 -2.02 10.54
C THR A 304 4.35 -3.13 11.55
N ALA A 305 5.39 -3.46 12.33
CA ALA A 305 5.25 -4.48 13.37
C ALA A 305 4.16 -4.12 14.36
N ALA A 306 3.97 -2.83 14.66
CA ALA A 306 2.95 -2.45 15.64
C ALA A 306 1.55 -2.67 15.09
N MET A 307 1.31 -2.33 13.82
CA MET A 307 0.02 -2.62 13.22
C MET A 307 -0.27 -4.11 13.30
N ILE A 308 0.76 -4.94 13.12
CA ILE A 308 0.52 -6.38 13.23
C ILE A 308 0.39 -6.81 14.70
N ALA A 309 1.18 -6.23 15.59
CA ALA A 309 1.28 -6.72 16.96
C ALA A 309 0.11 -6.35 17.82
N ILE A 310 -0.64 -5.29 17.47
CA ILE A 310 -1.80 -4.96 18.29
C ILE A 310 -2.70 -6.17 18.46
N PHE A 311 -2.74 -7.08 17.48
CA PHE A 311 -3.61 -8.25 17.61
C PHE A 311 -3.16 -9.18 18.72
N GLN A 312 -1.88 -9.18 19.07
CA GLN A 312 -1.44 -9.95 20.22
C GLN A 312 -1.42 -9.14 21.52
N LEU A 313 -1.12 -7.84 21.46
CA LEU A 313 -0.95 -7.04 22.67
C LEU A 313 -2.16 -6.19 23.03
N GLY A 314 -3.13 -6.04 22.14
CA GLY A 314 -4.16 -5.02 22.30
C GLY A 314 -5.19 -5.28 23.38
N GLY A 315 -5.22 -6.47 23.97
CA GLY A 315 -6.28 -6.84 24.90
C GLY A 315 -5.99 -6.65 26.37
N SER A 316 -4.89 -5.97 26.71
CA SER A 316 -4.54 -5.65 28.08
C SER A 316 -4.03 -4.21 28.11
N VAL A 317 -4.32 -3.52 29.20
CA VAL A 317 -3.89 -2.13 29.35
C VAL A 317 -2.41 -1.96 29.04
N VAL A 318 -1.57 -2.85 29.57
CA VAL A 318 -0.12 -2.71 29.38
C VAL A 318 0.24 -2.89 27.90
N GLY A 319 -0.23 -3.97 27.28
CA GLY A 319 0.06 -4.18 25.87
C GLY A 319 -0.48 -3.09 24.98
N LEU A 320 -1.75 -2.71 25.21
CA LEU A 320 -2.34 -1.67 24.36
C LEU A 320 -1.60 -0.35 24.53
N SER A 321 -1.15 -0.03 25.75
CA SER A 321 -0.31 1.14 25.98
C SER A 321 0.98 1.08 25.17
N ILE A 322 1.65 -0.08 25.17
CA ILE A 322 2.90 -0.22 24.42
C ILE A 322 2.66 0.06 22.94
N VAL A 323 1.62 -0.55 22.37
CA VAL A 323 1.34 -0.28 20.95
C VAL A 323 1.05 1.19 20.73
N ALA A 324 0.26 1.82 21.61
CA ALA A 324 -0.06 3.23 21.39
C ALA A 324 1.19 4.09 21.46
N ILE A 325 2.11 3.78 22.38
CA ILE A 325 3.36 4.53 22.49
C ILE A 325 4.20 4.38 21.23
N VAL A 326 4.30 3.15 20.72
CA VAL A 326 5.10 2.92 19.52
C VAL A 326 4.47 3.61 18.32
N ILE A 327 3.15 3.47 18.15
CA ILE A 327 2.46 4.18 17.07
C ILE A 327 2.71 5.68 17.18
N GLY A 328 2.54 6.23 18.39
CA GLY A 328 2.80 7.65 18.59
C GLY A 328 4.22 8.04 18.24
N TRP A 329 5.19 7.24 18.71
CA TRP A 329 6.60 7.57 18.44
C TRP A 329 6.87 7.63 16.94
N ASN A 330 6.46 6.58 16.21
CA ASN A 330 6.76 6.52 14.79
C ASN A 330 6.03 7.62 14.01
N TYR A 331 4.72 7.74 14.25
CA TYR A 331 3.93 8.77 13.61
C TYR A 331 4.55 10.14 13.82
N GLY A 332 4.71 10.55 15.08
CA GLY A 332 5.30 11.85 15.35
C GLY A 332 6.65 12.06 14.70
N ALA A 333 7.52 11.04 14.75
CA ALA A 333 8.85 11.19 14.16
C ALA A 333 8.77 11.57 12.70
N MET A 334 7.73 11.11 11.99
CA MET A 334 7.60 11.49 10.57
C MET A 334 7.77 13.00 10.35
N PHE A 335 7.14 13.81 11.21
CA PHE A 335 7.04 15.24 10.98
C PHE A 335 8.30 16.02 11.36
N THR A 336 9.29 15.37 11.97
CA THR A 336 10.65 15.90 11.98
C THR A 336 11.49 15.31 10.85
N LEU A 337 11.38 13.99 10.63
CA LEU A 337 12.36 13.31 9.78
C LEU A 337 12.14 13.58 8.30
N PHE A 338 10.89 13.66 7.86
CA PHE A 338 10.64 14.04 6.47
C PHE A 338 11.14 15.45 6.17
N PRO A 339 10.85 16.49 6.96
CA PRO A 339 11.50 17.77 6.66
C PRO A 339 13.01 17.72 6.79
N ALA A 340 13.55 17.03 7.79
CA ALA A 340 15.00 16.85 7.87
C ALA A 340 15.54 16.11 6.66
N THR A 341 14.86 15.06 6.20
CA THR A 341 15.33 14.35 5.01
C THR A 341 15.33 15.27 3.80
N CYS A 342 14.21 15.97 3.57
CA CYS A 342 14.12 16.89 2.43
C CYS A 342 15.20 17.96 2.51
N LEU A 343 15.50 18.45 3.71
CA LEU A 343 16.57 19.42 3.92
C LEU A 343 17.93 18.84 3.54
N GLN A 344 18.18 17.58 3.94
CA GLN A 344 19.40 16.89 3.55
C GLN A 344 19.51 16.76 2.03
N PHE A 345 18.42 16.44 1.36
CA PHE A 345 18.48 16.19 -0.08
C PHE A 345 18.70 17.48 -0.86
N TYR A 346 17.89 18.51 -0.60
CA TYR A 346 17.81 19.65 -1.49
C TYR A 346 18.34 20.94 -0.87
N GLY A 347 18.72 20.93 0.40
CA GLY A 347 19.25 22.11 1.01
C GLY A 347 18.15 23.02 1.54
N PRO A 348 18.56 24.06 2.27
CA PRO A 348 17.59 24.90 2.97
C PRO A 348 17.10 26.13 2.23
N THR A 349 17.78 26.57 1.16
CA THR A 349 17.38 27.82 0.51
C THR A 349 16.00 27.68 -0.13
N ALA A 350 15.70 26.54 -0.75
CA ALA A 350 14.38 26.29 -1.31
C ALA A 350 13.54 25.37 -0.42
N GLN A 351 13.88 25.27 0.86
CA GLN A 351 13.17 24.34 1.75
C GLN A 351 11.72 24.72 1.97
N GLY A 352 11.40 26.02 1.96
CA GLY A 352 10.01 26.41 2.07
C GLY A 352 9.15 25.79 0.99
N SER A 353 9.55 25.96 -0.28
CA SER A 353 8.80 25.40 -1.40
C SER A 353 8.87 23.86 -1.40
N ASN A 354 10.07 23.30 -1.21
CA ASN A 354 10.20 21.84 -1.27
C ASN A 354 9.34 21.16 -0.21
N TYR A 355 9.46 21.59 1.05
CA TYR A 355 8.68 20.91 2.08
C TYR A 355 7.20 21.29 2.03
N GLY A 356 6.85 22.51 1.62
CA GLY A 356 5.43 22.81 1.45
C GLY A 356 4.77 21.89 0.45
N LEU A 357 5.42 21.69 -0.71
CA LEU A 357 4.92 20.71 -1.66
C LEU A 357 4.85 19.33 -1.03
N LEU A 358 5.92 18.89 -0.35
CA LEU A 358 5.94 17.55 0.22
C LEU A 358 4.80 17.31 1.22
N PHE A 359 4.44 18.33 2.00
CA PHE A 359 3.48 18.14 3.07
C PHE A 359 2.05 17.94 2.57
N THR A 360 1.75 18.36 1.34
CA THR A 360 0.41 18.11 0.79
C THR A 360 0.06 16.62 0.80
N ALA A 361 1.06 15.74 0.75
CA ALA A 361 0.78 14.32 0.94
C ALA A 361 0.08 14.11 2.26
N CYS A 362 0.62 14.70 3.31
CA CYS A 362 0.02 14.57 4.63
C CYS A 362 -1.34 15.23 4.66
N GLY A 363 -1.53 16.30 3.88
CA GLY A 363 -2.86 16.90 3.78
C GLY A 363 -3.89 15.93 3.23
N LEU A 364 -3.56 15.27 2.11
CA LEU A 364 -4.47 14.31 1.51
C LEU A 364 -4.76 13.15 2.47
N ALA A 365 -3.72 12.59 3.07
CA ALA A 365 -3.95 11.51 4.04
C ALA A 365 -4.84 11.99 5.17
N GLY A 366 -4.58 13.19 5.71
CA GLY A 366 -5.41 13.71 6.77
C GLY A 366 -6.86 13.85 6.36
N PHE A 367 -7.11 14.12 5.08
CA PHE A 367 -8.49 14.13 4.62
C PHE A 367 -9.09 12.72 4.61
N ALA A 368 -8.43 11.78 3.95
CA ALA A 368 -9.12 10.53 3.61
C ALA A 368 -8.93 9.43 4.64
N GLY A 369 -7.74 9.29 5.21
CA GLY A 369 -7.38 8.15 6.04
C GLY A 369 -8.37 7.71 7.10
N PRO A 370 -8.79 8.62 7.98
CA PRO A 370 -9.71 8.20 9.07
C PRO A 370 -11.00 7.63 8.53
N TRP A 371 -11.56 8.27 7.50
CA TRP A 371 -12.79 7.76 6.90
C TRP A 371 -12.57 6.34 6.38
N VAL A 372 -11.48 6.11 5.65
CA VAL A 372 -11.21 4.80 5.08
C VAL A 372 -11.09 3.76 6.18
N GLY A 373 -10.41 4.09 7.28
CA GLY A 373 -10.32 3.15 8.38
C GLY A 373 -11.69 2.77 8.91
N GLY A 374 -12.52 3.79 9.18
CA GLY A 374 -13.87 3.51 9.63
C GLY A 374 -14.66 2.66 8.64
N TRP A 375 -14.52 2.97 7.35
CA TRP A 375 -15.27 2.25 6.33
C TRP A 375 -14.83 0.80 6.25
N LEU A 376 -13.53 0.53 6.28
CA LEU A 376 -13.06 -0.84 6.23
C LEU A 376 -13.55 -1.63 7.45
N LYS A 377 -13.45 -1.03 8.63
CA LYS A 377 -13.94 -1.70 9.83
C LYS A 377 -15.42 -2.03 9.70
N ASP A 378 -16.22 -1.04 9.29
CA ASP A 378 -17.66 -1.27 9.15
C ASP A 378 -17.94 -2.33 8.09
N THR A 379 -17.29 -2.22 6.93
CA THR A 379 -17.46 -3.19 5.85
C THR A 379 -17.29 -4.61 6.36
N THR A 380 -16.17 -4.90 7.03
CA THR A 380 -15.95 -6.27 7.51
C THR A 380 -16.52 -6.52 8.89
N GLY A 381 -16.78 -5.46 9.67
CA GLY A 381 -17.11 -5.63 11.07
C GLY A 381 -15.94 -5.96 11.98
N THR A 382 -14.71 -6.01 11.45
CA THR A 382 -13.55 -6.42 12.25
C THR A 382 -12.37 -5.49 11.97
N TYR A 383 -11.38 -5.54 12.88
CA TYR A 383 -10.22 -4.66 12.83
C TYR A 383 -9.07 -5.19 11.99
N TYR A 384 -9.15 -6.43 11.51
CA TYR A 384 -8.04 -7.01 10.75
C TYR A 384 -7.77 -6.19 9.50
N LEU A 385 -8.80 -5.80 8.76
CA LEU A 385 -8.57 -5.11 7.49
C LEU A 385 -7.87 -3.76 7.65
N PRO A 386 -8.35 -2.81 8.47
CA PRO A 386 -7.64 -1.52 8.52
C PRO A 386 -6.22 -1.65 9.06
N PHE A 387 -6.02 -2.46 10.11
CA PHE A 387 -4.66 -2.61 10.63
C PHE A 387 -3.75 -3.32 9.63
N LEU A 388 -4.27 -4.30 8.90
CA LEU A 388 -3.42 -4.97 7.91
C LEU A 388 -3.10 -4.06 6.74
N CYS A 389 -4.07 -3.23 6.32
CA CYS A 389 -3.80 -2.25 5.28
C CYS A 389 -2.75 -1.24 5.72
N ALA A 390 -2.86 -0.74 6.96
CA ALA A 390 -1.86 0.17 7.49
C ALA A 390 -0.50 -0.49 7.58
N ALA A 391 -0.46 -1.77 7.93
CA ALA A 391 0.82 -2.47 7.97
C ALA A 391 1.43 -2.55 6.59
N ALA A 392 0.61 -2.77 5.56
CA ALA A 392 1.14 -2.79 4.19
C ALA A 392 1.69 -1.44 3.78
N LEU A 393 0.95 -0.37 4.07
CA LEU A 393 1.43 0.97 3.76
C LEU A 393 2.76 1.26 4.48
N CYS A 394 2.86 0.90 5.75
CA CYS A 394 4.10 1.14 6.47
C CYS A 394 5.23 0.24 5.95
N ALA A 395 4.93 -0.97 5.48
CA ALA A 395 5.98 -1.77 4.85
C ALA A 395 6.52 -1.06 3.62
N LEU A 396 5.61 -0.60 2.75
CA LEU A 396 6.04 0.18 1.58
C LEU A 396 6.87 1.38 1.99
N GLY A 397 6.43 2.12 3.00
CA GLY A 397 7.18 3.28 3.44
C GLY A 397 8.56 2.88 3.94
N THR A 398 8.64 1.78 4.69
CA THR A 398 9.92 1.26 5.15
C THR A 398 10.87 1.04 3.97
N ALA A 399 10.35 0.37 2.93
CA ALA A 399 11.18 0.07 1.76
C ALA A 399 11.66 1.36 1.10
N ILE A 400 10.74 2.29 0.83
CA ILE A 400 11.13 3.54 0.17
C ILE A 400 12.16 4.29 1.00
N VAL A 401 11.88 4.50 2.29
CA VAL A 401 12.75 5.32 3.13
C VAL A 401 14.13 4.68 3.25
N PHE A 402 14.19 3.35 3.33
CA PHE A 402 15.49 2.69 3.48
C PHE A 402 16.29 2.74 2.17
N MET A 403 15.62 2.52 1.04
CA MET A 403 16.34 2.42 -0.23
C MET A 403 16.68 3.76 -0.86
N THR A 404 16.12 4.86 -0.36
CA THR A 404 16.33 6.18 -0.96
C THR A 404 17.48 6.91 -0.28
N LYS A 405 18.59 7.05 -0.99
CA LYS A 405 19.78 7.78 -0.59
C LYS A 405 19.78 9.13 -1.28
N PRO A 406 20.50 10.14 -0.76
CA PRO A 406 20.34 11.49 -1.30
C PRO A 406 20.80 11.57 -2.74
N PRO A 407 20.26 12.52 -3.51
CA PRO A 407 20.75 12.75 -4.89
C PRO A 407 22.08 13.49 -4.92
N GLU A 408 22.64 13.57 -6.14
CA GLU A 408 23.91 14.25 -6.37
C GLU A 408 23.81 15.72 -6.02
N LYS A 409 24.79 16.23 -5.26
CA LYS A 409 24.76 17.63 -4.88
C LYS A 409 25.07 18.49 -6.10
N LYS A 410 24.17 19.44 -6.39
CA LYS A 410 24.34 20.26 -7.59
C LYS A 410 25.56 21.17 -7.43
N HIS A 411 26.22 21.40 -8.56
CA HIS A 411 27.37 22.30 -8.64
C HIS A 411 26.97 23.57 -9.38
N ALA A 412 27.43 24.71 -8.88
CA ALA A 412 27.22 25.99 -9.56
C ALA A 412 28.42 26.25 -10.44
N LEU A 413 28.44 25.63 -11.63
CA LEU A 413 29.44 25.94 -12.64
C LEU A 413 29.50 27.44 -12.91
N GLU A 414 28.34 28.08 -12.95
CA GLU A 414 28.25 29.52 -13.15
C GLU A 414 28.90 30.29 -12.01
N LEU A 415 28.98 29.71 -10.82
CA LEU A 415 29.76 30.29 -9.73
C LEU A 415 31.16 29.70 -9.63
N GLU A 416 31.36 28.50 -10.18
CA GLU A 416 32.65 27.85 -10.17
C GLU A 416 33.65 28.55 -11.09
N VAL A 417 33.17 29.16 -12.18
CA VAL A 417 34.05 29.82 -13.14
C VAL A 417 34.92 30.90 -12.51
N LEU A 418 34.55 31.38 -11.32
CA LEU A 418 35.19 32.55 -10.73
C LEU A 418 36.63 32.31 -10.28
N PHE A 419 36.99 31.08 -10.01
CA PHE A 419 38.33 30.82 -9.56
C PHE A 419 39.23 30.71 -10.76
N GLN A 420 39.03 31.67 -11.63
CA GLN A 420 39.75 31.84 -12.87
C GLN A 420 39.73 30.60 -13.75
N TRP B 11 9.65 -39.68 -14.19
CA TRP B 11 9.62 -38.41 -14.92
C TRP B 11 8.34 -38.27 -15.74
N VAL B 12 7.64 -39.39 -15.95
CA VAL B 12 6.36 -39.34 -16.67
C VAL B 12 5.39 -38.38 -16.01
N PRO B 13 5.25 -38.34 -14.66
CA PRO B 13 4.38 -37.34 -14.04
C PRO B 13 4.69 -35.91 -14.46
N LEU B 14 5.95 -35.61 -14.80
CA LEU B 14 6.26 -34.26 -15.28
C LEU B 14 5.47 -33.94 -16.55
N LEU B 15 5.48 -34.85 -17.52
CA LEU B 15 4.70 -34.65 -18.74
C LEU B 15 3.20 -34.66 -18.45
N LEU B 16 2.75 -35.52 -17.53
CA LEU B 16 1.33 -35.53 -17.18
C LEU B 16 0.87 -34.19 -16.62
N GLY B 17 1.63 -33.65 -15.66
CA GLY B 17 1.33 -32.35 -15.13
C GLY B 17 1.40 -31.25 -16.17
N LEU B 18 2.32 -31.39 -17.13
CA LEU B 18 2.38 -30.45 -18.24
C LEU B 18 1.07 -30.45 -19.03
N LEU B 19 0.57 -31.65 -19.38
CA LEU B 19 -0.72 -31.74 -20.08
C LEU B 19 -1.86 -31.12 -19.27
N GLY B 20 -1.96 -31.50 -18.00
CA GLY B 20 -3.05 -31.00 -17.18
C GLY B 20 -3.02 -29.48 -17.02
N SER B 21 -1.84 -28.94 -16.72
CA SER B 21 -1.73 -27.48 -16.56
C SER B 21 -1.93 -26.75 -17.88
N THR B 22 -1.61 -27.36 -19.01
CA THR B 22 -1.89 -26.73 -20.29
C THR B 22 -3.39 -26.68 -20.56
N THR B 23 -4.10 -27.76 -20.21
CA THR B 23 -5.56 -27.74 -20.24
C THR B 23 -6.12 -26.60 -19.40
N CYS B 24 -5.63 -26.46 -18.15
CA CYS B 24 -6.11 -25.39 -17.27
C CYS B 24 -5.82 -24.01 -17.84
N GLY B 25 -4.64 -23.84 -18.47
CA GLY B 25 -4.32 -22.56 -19.08
C GLY B 25 -5.23 -22.23 -20.25
N MET B 26 -5.55 -23.24 -21.07
CA MET B 26 -6.54 -23.03 -22.13
C MET B 26 -7.89 -22.62 -21.54
N LEU B 27 -8.30 -23.26 -20.44
CA LEU B 27 -9.56 -22.94 -19.80
C LEU B 27 -9.61 -21.48 -19.38
N LEU B 28 -8.55 -20.99 -18.74
CA LEU B 28 -8.55 -19.63 -18.24
C LEU B 28 -8.40 -18.59 -19.36
N TYR B 29 -7.63 -18.88 -20.40
CA TYR B 29 -7.50 -17.89 -21.47
C TYR B 29 -8.69 -17.90 -22.43
N ALA B 30 -9.54 -18.93 -22.41
CA ALA B 30 -10.59 -19.06 -23.42
C ALA B 30 -11.52 -17.86 -23.49
N TRP B 31 -11.95 -17.34 -22.33
CA TRP B 31 -12.98 -16.31 -22.31
C TRP B 31 -12.60 -15.04 -23.08
N SER B 32 -11.31 -14.72 -23.16
CA SER B 32 -10.90 -13.49 -23.85
C SER B 32 -11.17 -13.53 -25.34
N VAL B 33 -10.99 -14.69 -25.99
CA VAL B 33 -11.24 -14.76 -27.43
C VAL B 33 -12.71 -14.51 -27.74
N PHE B 34 -13.60 -14.78 -26.79
CA PHE B 34 -15.03 -14.66 -26.97
C PHE B 34 -15.54 -13.24 -26.76
N ILE B 35 -14.68 -12.33 -26.32
CA ILE B 35 -15.11 -10.96 -26.11
C ILE B 35 -15.67 -10.37 -27.41
N LYS B 36 -14.92 -10.50 -28.50
CA LYS B 36 -15.42 -10.00 -29.78
C LYS B 36 -16.64 -10.77 -30.26
N PRO B 37 -16.64 -12.12 -30.32
CA PRO B 37 -17.83 -12.82 -30.84
C PRO B 37 -19.08 -12.67 -29.97
N LEU B 38 -18.95 -12.79 -28.64
CA LEU B 38 -20.14 -12.74 -27.79
C LEU B 38 -20.79 -11.37 -27.81
N ASN B 39 -19.99 -10.31 -27.77
CA ASN B 39 -20.59 -8.99 -27.93
C ASN B 39 -21.16 -8.82 -29.34
N ALA B 40 -20.50 -9.41 -30.34
CA ALA B 40 -21.01 -9.35 -31.71
C ALA B 40 -22.41 -9.96 -31.82
N GLU B 41 -22.70 -11.00 -31.03
CA GLU B 41 -24.00 -11.64 -31.10
C GLU B 41 -24.99 -11.20 -30.02
N PHE B 42 -24.56 -11.04 -28.77
CA PHE B 42 -25.44 -10.50 -27.74
C PHE B 42 -24.68 -9.99 -26.53
N SER B 45 -21.55 -6.75 -23.33
CA SER B 45 -20.59 -5.96 -22.56
C SER B 45 -19.36 -6.77 -22.15
N ARG B 46 -18.22 -6.09 -22.14
CA ARG B 46 -16.97 -6.69 -21.77
C ARG B 46 -16.99 -7.14 -20.32
N ALA B 47 -17.43 -6.26 -19.42
CA ALA B 47 -17.53 -6.63 -18.00
C ALA B 47 -18.46 -7.82 -17.82
N GLU B 48 -19.57 -7.84 -18.56
CA GLU B 48 -20.50 -8.96 -18.49
C GLU B 48 -19.81 -10.28 -18.84
N ILE B 49 -18.94 -10.28 -19.85
CA ILE B 49 -18.22 -11.50 -20.22
C ILE B 49 -17.19 -11.84 -19.16
N ALA B 50 -16.41 -10.84 -18.73
CA ALA B 50 -15.36 -11.04 -17.74
C ALA B 50 -15.91 -11.52 -16.39
N MET B 51 -17.19 -11.26 -16.13
CA MET B 51 -17.79 -11.80 -14.91
C MET B 51 -17.75 -13.32 -14.90
N ALA B 52 -17.90 -13.94 -16.08
CA ALA B 52 -17.77 -15.40 -16.17
C ALA B 52 -16.37 -15.84 -15.78
N PHE B 53 -15.35 -15.09 -16.19
CA PHE B 53 -13.97 -15.40 -15.80
C PHE B 53 -13.77 -15.21 -14.30
N ALA B 54 -14.36 -14.17 -13.71
CA ALA B 54 -14.24 -13.99 -12.28
C ALA B 54 -14.88 -15.15 -11.52
N ILE B 55 -16.07 -15.58 -11.97
CA ILE B 55 -16.71 -16.77 -11.41
C ILE B 55 -15.79 -17.97 -11.57
N CYS B 56 -15.15 -18.09 -12.74
CA CYS B 56 -14.25 -19.21 -13.00
C CYS B 56 -13.09 -19.23 -12.02
N CYS B 57 -12.47 -18.07 -11.81
CA CYS B 57 -11.35 -17.98 -10.89
C CYS B 57 -11.78 -18.35 -9.47
N LEU B 58 -12.91 -17.82 -9.02
CA LEU B 58 -13.35 -18.12 -7.67
C LEU B 58 -13.59 -19.62 -7.51
N ILE B 59 -14.36 -20.21 -8.43
CA ILE B 59 -14.72 -21.63 -8.32
C ILE B 59 -13.46 -22.49 -8.40
N PHE B 60 -12.59 -22.21 -9.37
CA PHE B 60 -11.32 -22.89 -9.55
C PHE B 60 -10.50 -22.90 -8.25
N GLY B 61 -10.16 -21.70 -7.77
CA GLY B 61 -9.32 -21.57 -6.60
C GLY B 61 -9.93 -22.16 -5.35
N LEU B 62 -11.26 -22.20 -5.26
CA LEU B 62 -11.86 -22.85 -4.10
C LEU B 62 -11.87 -24.36 -4.26
N MET B 63 -12.19 -24.85 -5.46
CA MET B 63 -12.25 -26.28 -5.72
C MET B 63 -10.91 -26.98 -5.63
N THR B 64 -9.80 -26.24 -5.61
CA THR B 64 -8.52 -26.90 -5.36
C THR B 64 -8.54 -27.66 -4.03
N PHE B 65 -9.04 -27.03 -2.96
CA PHE B 65 -9.03 -27.64 -1.63
C PHE B 65 -9.70 -29.01 -1.58
N PRO B 66 -10.98 -29.17 -1.97
CA PRO B 66 -11.56 -30.52 -1.98
C PRO B 66 -10.83 -31.48 -2.90
N ALA B 67 -10.35 -30.97 -4.04
CA ALA B 67 -9.55 -31.81 -4.94
C ALA B 67 -8.34 -32.38 -4.23
N GLY B 68 -7.70 -31.58 -3.37
CA GLY B 68 -6.56 -32.09 -2.64
C GLY B 68 -6.94 -33.12 -1.59
N ARG B 69 -8.01 -32.86 -0.84
CA ARG B 69 -8.46 -33.86 0.13
C ARG B 69 -8.75 -35.19 -0.54
N LEU B 70 -9.47 -35.15 -1.66
CA LEU B 70 -9.86 -36.37 -2.35
C LEU B 70 -8.66 -37.04 -3.03
N SER B 71 -7.72 -36.25 -3.57
CA SER B 71 -6.52 -36.83 -4.15
C SER B 71 -5.70 -37.56 -3.10
N ASP B 72 -5.56 -36.96 -1.91
CA ASP B 72 -4.80 -37.60 -0.84
C ASP B 72 -5.46 -38.88 -0.39
N LYS B 73 -6.78 -38.88 -0.25
CA LYS B 73 -7.43 -40.05 0.35
C LYS B 73 -7.73 -41.15 -0.67
N MET B 74 -8.43 -40.82 -1.75
CA MET B 74 -8.86 -41.81 -2.73
C MET B 74 -8.02 -41.76 -4.02
N GLY B 75 -6.81 -41.22 -3.93
CA GLY B 75 -5.93 -41.16 -5.07
C GLY B 75 -6.20 -39.95 -5.94
N PRO B 76 -5.19 -39.53 -6.71
CA PRO B 76 -5.35 -38.32 -7.54
C PRO B 76 -6.00 -38.59 -8.88
N ARG B 77 -5.96 -39.82 -9.37
CA ARG B 77 -6.46 -40.14 -10.69
C ARG B 77 -7.95 -39.84 -10.81
N LYS B 78 -8.77 -40.34 -9.88
CA LYS B 78 -10.20 -40.08 -9.91
C LYS B 78 -10.46 -38.58 -9.91
N VAL B 79 -9.73 -37.84 -9.08
CA VAL B 79 -9.96 -36.41 -8.94
C VAL B 79 -9.70 -35.71 -10.27
N VAL B 80 -8.55 -35.99 -10.88
CA VAL B 80 -8.19 -35.32 -12.12
C VAL B 80 -9.16 -35.68 -13.24
N MET B 81 -9.56 -36.94 -13.32
CA MET B 81 -10.41 -37.35 -14.43
C MET B 81 -11.83 -36.83 -14.25
N THR B 82 -12.35 -36.83 -13.01
CA THR B 82 -13.60 -36.16 -12.71
C THR B 82 -13.54 -34.69 -13.14
N GLY B 83 -12.44 -34.03 -12.81
CA GLY B 83 -12.27 -32.65 -13.22
C GLY B 83 -12.28 -32.48 -14.73
N GLY B 84 -11.60 -33.38 -15.44
CA GLY B 84 -11.59 -33.30 -16.90
C GLY B 84 -12.96 -33.46 -17.51
N VAL B 85 -13.74 -34.41 -17.00
CA VAL B 85 -15.10 -34.60 -17.50
C VAL B 85 -15.95 -33.37 -17.23
N LEU B 86 -15.88 -32.84 -16.00
CA LEU B 86 -16.62 -31.63 -15.67
C LEU B 86 -16.22 -30.49 -16.58
N LEU B 87 -14.93 -30.39 -16.87
CA LEU B 87 -14.41 -29.32 -17.71
C LEU B 87 -15.00 -29.41 -19.12
N ALA B 88 -14.87 -30.58 -19.75
CA ALA B 88 -15.42 -30.77 -21.10
C ALA B 88 -16.91 -30.48 -21.15
N ILE B 89 -17.64 -30.93 -20.12
CA ILE B 89 -19.06 -30.58 -20.02
C ILE B 89 -19.24 -29.07 -19.99
N GLY B 90 -18.40 -28.38 -19.23
CA GLY B 90 -18.53 -26.93 -19.13
C GLY B 90 -18.36 -26.23 -20.46
N PHE B 91 -17.32 -26.60 -21.22
CA PHE B 91 -17.10 -25.94 -22.50
C PHE B 91 -18.22 -26.24 -23.48
N ILE B 92 -18.56 -27.54 -23.59
CA ILE B 92 -19.55 -27.94 -24.57
C ILE B 92 -20.92 -27.34 -24.26
N LEU B 93 -21.22 -27.12 -22.97
CA LEU B 93 -22.46 -26.43 -22.62
C LEU B 93 -22.36 -24.92 -22.83
N SER B 94 -21.18 -24.33 -22.64
CA SER B 94 -20.99 -22.92 -22.97
C SER B 94 -21.18 -22.68 -24.47
N GLY B 95 -20.96 -23.71 -25.28
CA GLY B 95 -21.20 -23.55 -26.71
C GLY B 95 -22.66 -23.30 -27.05
N PHE B 96 -23.59 -23.79 -26.23
CA PHE B 96 -25.01 -23.69 -26.47
C PHE B 96 -25.71 -22.62 -25.63
N ILE B 97 -25.02 -21.54 -25.25
CA ILE B 97 -25.60 -20.57 -24.32
C ILE B 97 -26.51 -19.60 -25.07
N GLN B 98 -27.40 -18.95 -24.32
CA GLN B 98 -28.26 -17.91 -24.89
C GLN B 98 -28.41 -16.67 -24.03
N SER B 99 -28.18 -16.74 -22.73
CA SER B 99 -28.26 -15.58 -21.86
C SER B 99 -26.92 -15.40 -21.17
N LYS B 100 -26.75 -14.26 -20.50
CA LYS B 100 -25.52 -14.04 -19.75
C LYS B 100 -25.39 -15.08 -18.64
N TYR B 101 -26.46 -15.27 -17.88
CA TYR B 101 -26.47 -16.20 -16.75
C TYR B 101 -26.11 -17.60 -17.20
N GLN B 102 -26.57 -17.97 -18.40
CA GLN B 102 -26.28 -19.30 -18.94
C GLN B 102 -24.78 -19.52 -19.06
N LEU B 103 -24.06 -18.55 -19.64
CA LEU B 103 -22.60 -18.66 -19.73
C LEU B 103 -21.97 -18.66 -18.35
N TYR B 104 -22.45 -17.78 -17.45
CA TYR B 104 -21.96 -17.80 -16.07
C TYR B 104 -21.96 -19.22 -15.51
N ILE B 105 -23.08 -19.93 -15.68
CA ILE B 105 -23.21 -21.28 -15.16
C ILE B 105 -22.25 -22.23 -15.88
N THR B 106 -22.35 -22.30 -17.20
CA THR B 106 -21.60 -23.29 -17.96
C THR B 106 -20.09 -23.11 -17.78
N TYR B 107 -19.59 -21.89 -18.02
CA TYR B 107 -18.16 -21.65 -18.00
C TYR B 107 -17.66 -21.39 -16.57
N GLY B 108 -18.26 -20.43 -15.87
CA GLY B 108 -17.74 -20.06 -14.56
C GLY B 108 -17.82 -21.21 -13.55
N VAL B 109 -18.98 -21.85 -13.44
CA VAL B 109 -19.21 -22.81 -12.38
C VAL B 109 -18.72 -24.20 -12.76
N ILE B 110 -19.28 -24.75 -13.85
CA ILE B 110 -18.96 -26.12 -14.24
C ILE B 110 -17.47 -26.23 -14.58
N ALA B 111 -17.03 -25.44 -15.57
CA ALA B 111 -15.64 -25.48 -16.02
C ALA B 111 -14.67 -25.09 -14.91
N GLY B 112 -14.99 -24.06 -14.12
CA GLY B 112 -14.10 -23.71 -13.02
C GLY B 112 -13.93 -24.85 -12.02
N PHE B 113 -15.03 -25.55 -11.74
CA PHE B 113 -15.00 -26.71 -10.86
C PHE B 113 -14.06 -27.78 -11.41
N GLY B 114 -14.32 -28.23 -12.64
CA GLY B 114 -13.45 -29.22 -13.24
C GLY B 114 -12.00 -28.76 -13.30
N GLY B 115 -11.79 -27.46 -13.52
CA GLY B 115 -10.44 -26.94 -13.62
C GLY B 115 -9.68 -27.03 -12.32
N GLY B 116 -10.32 -26.68 -11.21
CA GLY B 116 -9.66 -26.84 -9.92
C GLY B 116 -9.33 -28.30 -9.63
N MET B 117 -10.29 -29.20 -9.92
CA MET B 117 -10.03 -30.62 -9.69
C MET B 117 -8.89 -31.15 -10.55
N ILE B 118 -8.70 -30.56 -11.74
CA ILE B 118 -7.57 -30.95 -12.57
C ILE B 118 -6.27 -30.35 -12.04
N TYR B 119 -6.32 -29.08 -11.60
CA TYR B 119 -5.11 -28.34 -11.28
C TYR B 119 -4.40 -28.91 -10.07
N LEU B 120 -5.14 -29.20 -8.99
CA LEU B 120 -4.38 -29.45 -7.76
C LEU B 120 -3.66 -30.81 -7.66
N PRO B 121 -4.32 -31.93 -7.95
CA PRO B 121 -3.71 -33.25 -7.67
C PRO B 121 -2.36 -33.44 -8.36
N PRO B 122 -2.14 -32.93 -9.59
CA PRO B 122 -0.79 -33.07 -10.16
C PRO B 122 0.27 -32.25 -9.43
N ILE B 123 -0.07 -31.04 -8.96
CA ILE B 123 0.87 -30.28 -8.12
C ILE B 123 1.22 -31.08 -6.88
N ALA B 124 0.25 -31.84 -6.34
CA ALA B 124 0.54 -32.66 -5.18
C ALA B 124 1.38 -33.89 -5.54
N THR B 125 1.19 -34.43 -6.75
CA THR B 125 1.76 -35.73 -7.12
C THR B 125 3.14 -35.63 -7.76
N ALA B 126 3.34 -34.72 -8.71
CA ALA B 126 4.61 -34.64 -9.45
C ALA B 126 5.84 -34.48 -8.57
N PRO B 127 5.86 -33.65 -7.52
CA PRO B 127 7.05 -33.60 -6.65
C PRO B 127 7.31 -34.91 -5.92
N LYS B 128 6.26 -35.70 -5.62
CA LYS B 128 6.47 -36.96 -4.91
C LYS B 128 7.47 -37.86 -5.62
N TRP B 129 7.58 -37.76 -6.95
CA TRP B 129 8.54 -38.55 -7.73
C TRP B 129 9.91 -37.90 -7.84
N TRP B 130 10.08 -36.64 -7.42
CA TRP B 130 11.34 -35.92 -7.56
C TRP B 130 11.75 -35.25 -6.26
N PRO B 131 12.17 -36.00 -5.25
CA PRO B 131 12.69 -35.37 -4.03
C PRO B 131 13.96 -34.56 -4.25
N ASP B 132 14.77 -34.90 -5.26
CA ASP B 132 15.99 -34.15 -5.53
C ASP B 132 15.70 -32.82 -6.22
N ARG B 133 14.59 -32.72 -6.94
CA ARG B 133 14.23 -31.53 -7.71
C ARG B 133 12.73 -31.26 -7.52
N ARG B 134 12.33 -30.98 -6.28
CA ARG B 134 10.91 -30.83 -5.99
C ARG B 134 10.33 -29.58 -6.62
N ALA B 135 10.98 -28.44 -6.42
CA ALA B 135 10.46 -27.19 -6.95
C ALA B 135 10.44 -27.22 -8.48
N LEU B 136 11.42 -27.87 -9.11
CA LEU B 136 11.37 -28.05 -10.55
C LEU B 136 10.17 -28.90 -10.98
N ALA B 137 9.91 -29.98 -10.24
CA ALA B 137 8.77 -30.84 -10.56
C ALA B 137 7.45 -30.08 -10.38
N THR B 138 7.32 -29.33 -9.29
CA THR B 138 6.17 -28.45 -9.11
C THR B 138 6.07 -27.43 -10.24
N GLY B 139 7.22 -26.91 -10.68
CA GLY B 139 7.20 -26.01 -11.82
C GLY B 139 6.66 -26.69 -13.06
N PHE B 140 6.98 -27.97 -13.25
CA PHE B 140 6.37 -28.70 -14.35
C PHE B 140 4.87 -28.89 -14.14
N ALA B 141 4.44 -29.02 -12.87
CA ALA B 141 3.02 -29.16 -12.57
C ALA B 141 2.25 -27.85 -12.75
N VAL B 142 2.93 -26.70 -12.73
CA VAL B 142 2.29 -25.40 -12.81
C VAL B 142 2.67 -24.62 -14.07
N VAL B 143 3.52 -25.18 -14.92
CA VAL B 143 4.02 -24.46 -16.08
C VAL B 143 3.01 -24.32 -17.21
N GLY B 144 1.99 -25.17 -17.24
CA GLY B 144 1.03 -25.12 -18.35
C GLY B 144 0.25 -23.82 -18.43
N LEU B 145 0.06 -23.13 -17.30
CA LEU B 145 -0.82 -21.97 -17.30
C LEU B 145 -0.26 -20.81 -18.11
N GLY B 146 1.06 -20.68 -18.19
CA GLY B 146 1.64 -19.68 -19.08
C GLY B 146 1.52 -20.03 -20.56
N LEU B 147 1.25 -21.31 -20.86
CA LEU B 147 1.19 -21.82 -22.23
C LEU B 147 -0.19 -21.74 -22.85
N GLY B 148 -1.25 -21.70 -22.04
CA GLY B 148 -2.60 -21.78 -22.58
C GLY B 148 -2.87 -20.84 -23.74
N SER B 149 -2.36 -19.62 -23.63
CA SER B 149 -2.57 -18.63 -24.70
C SER B 149 -1.88 -19.03 -26.00
N PHE B 150 -0.59 -19.39 -25.93
CA PHE B 150 0.18 -19.62 -27.16
C PHE B 150 -0.44 -20.72 -28.01
N LEU B 151 -1.04 -21.73 -27.39
CA LEU B 151 -1.70 -22.82 -28.10
C LEU B 151 -3.15 -22.48 -28.45
N MET B 152 -3.87 -21.84 -27.51
CA MET B 152 -5.31 -21.62 -27.65
C MET B 152 -5.62 -20.51 -28.65
N GLY B 153 -4.90 -19.40 -28.59
CA GLY B 153 -5.20 -18.22 -29.37
C GLY B 153 -5.19 -18.41 -30.88
N PRO B 154 -4.15 -19.05 -31.42
CA PRO B 154 -4.18 -19.35 -32.86
C PRO B 154 -5.36 -20.23 -33.24
N LEU B 155 -5.66 -21.21 -32.39
CA LEU B 155 -6.77 -22.11 -32.64
C LEU B 155 -8.10 -21.37 -32.62
N ALA B 156 -8.31 -20.53 -31.59
CA ALA B 156 -9.58 -19.81 -31.47
C ALA B 156 -9.76 -18.80 -32.61
N THR B 157 -8.71 -18.08 -32.99
CA THR B 157 -8.82 -17.18 -34.13
C THR B 157 -9.11 -17.95 -35.41
N TYR B 158 -8.45 -19.11 -35.59
CA TYR B 158 -8.71 -19.95 -36.75
C TYR B 158 -10.18 -20.37 -36.82
N ILE B 159 -10.76 -20.74 -35.69
CA ILE B 159 -12.15 -21.20 -35.70
C ILE B 159 -13.12 -20.01 -35.72
N ILE B 160 -13.16 -19.27 -36.83
CA ILE B 160 -14.07 -18.12 -36.92
C ILE B 160 -14.80 -18.11 -38.27
N GLY B 166 -18.02 -20.10 -36.67
CA GLY B 166 -18.12 -19.10 -35.62
C GLY B 166 -17.42 -19.48 -34.32
N TRP B 167 -17.84 -18.86 -33.22
CA TRP B 167 -17.20 -19.07 -31.92
C TRP B 167 -17.73 -20.32 -31.21
N ARG B 168 -19.01 -20.64 -31.40
CA ARG B 168 -19.55 -21.87 -30.82
C ARG B 168 -18.73 -23.07 -31.26
N TYR B 169 -18.22 -23.02 -32.49
CA TYR B 169 -17.28 -24.04 -32.94
C TYR B 169 -16.03 -24.06 -32.06
N VAL B 170 -15.53 -22.88 -31.69
CA VAL B 170 -14.35 -22.84 -30.82
C VAL B 170 -14.64 -23.54 -29.50
N PHE B 171 -15.77 -23.17 -28.88
CA PHE B 171 -16.16 -23.78 -27.61
C PHE B 171 -16.23 -25.30 -27.73
N TRP B 172 -16.96 -25.81 -28.72
CA TRP B 172 -17.15 -27.25 -28.85
C TRP B 172 -15.83 -27.98 -29.04
N TYR B 173 -15.08 -27.58 -30.08
CA TYR B 173 -13.89 -28.33 -30.46
C TYR B 173 -12.82 -28.25 -29.36
N CYS B 174 -12.64 -27.07 -28.76
CA CYS B 174 -11.67 -26.92 -27.69
C CYS B 174 -12.08 -27.70 -26.46
N GLY B 175 -13.37 -27.69 -26.10
CA GLY B 175 -13.80 -28.47 -24.96
C GLY B 175 -13.53 -29.95 -25.13
N VAL B 176 -13.73 -30.46 -26.34
CA VAL B 176 -13.41 -31.86 -26.63
C VAL B 176 -11.93 -32.11 -26.41
N ALA B 177 -11.08 -31.29 -27.03
CA ALA B 177 -9.64 -31.50 -26.92
C ALA B 177 -9.17 -31.42 -25.48
N MET B 178 -9.72 -30.49 -24.71
CA MET B 178 -9.29 -30.32 -23.32
C MET B 178 -9.76 -31.48 -22.45
N GLY B 179 -11.03 -31.89 -22.60
CA GLY B 179 -11.46 -33.11 -21.94
C GLY B 179 -10.52 -34.26 -22.21
N ILE B 180 -10.09 -34.39 -23.47
CA ILE B 180 -9.21 -35.50 -23.85
C ILE B 180 -7.88 -35.38 -23.11
N MET B 181 -7.24 -34.22 -23.20
CA MET B 181 -5.93 -34.04 -22.57
C MET B 181 -6.00 -34.23 -21.06
N ALA B 182 -7.08 -33.75 -20.43
CA ALA B 182 -7.20 -33.89 -18.99
C ALA B 182 -7.40 -35.35 -18.60
N LEU B 183 -8.20 -36.08 -19.37
CA LEU B 183 -8.36 -37.50 -19.10
C LEU B 183 -7.05 -38.25 -19.31
N ILE B 184 -6.25 -37.82 -20.30
CA ILE B 184 -4.94 -38.43 -20.50
C ILE B 184 -4.05 -38.18 -19.29
N ALA B 185 -3.98 -36.94 -18.83
CA ALA B 185 -3.13 -36.59 -17.71
C ALA B 185 -3.55 -37.31 -16.44
N GLY B 186 -4.85 -37.35 -16.16
CA GLY B 186 -5.34 -38.03 -14.96
C GLY B 186 -5.29 -39.53 -15.04
N ALA B 187 -5.30 -40.09 -16.25
CA ALA B 187 -5.30 -41.55 -16.40
C ALA B 187 -4.00 -42.16 -15.88
N PHE B 188 -2.86 -41.52 -16.15
CA PHE B 188 -1.56 -42.07 -15.78
C PHE B 188 -1.02 -41.50 -14.45
N LEU B 189 -1.89 -40.96 -13.61
CA LEU B 189 -1.47 -40.21 -12.43
C LEU B 189 -1.77 -41.02 -11.16
N GLU B 190 -0.73 -41.23 -10.33
CA GLU B 190 -0.83 -41.92 -9.04
C GLU B 190 0.46 -41.71 -8.26
N PRO B 191 0.41 -41.65 -6.91
CA PRO B 191 1.59 -41.42 -6.06
C PRO B 191 2.60 -42.56 -6.09
N THR B 216 12.04 -36.03 10.97
CA THR B 216 11.89 -36.48 9.60
C THR B 216 10.55 -37.17 9.45
N ARG B 217 9.49 -36.37 9.24
CA ARG B 217 8.14 -36.90 9.09
C ARG B 217 7.31 -35.84 8.40
N ASP B 218 6.23 -36.26 7.75
CA ASP B 218 5.31 -35.32 7.14
C ASP B 218 4.28 -34.86 8.16
N TRP B 219 3.94 -33.57 8.11
CA TRP B 219 2.89 -33.05 8.97
C TRP B 219 1.53 -33.54 8.48
N THR B 220 0.57 -33.61 9.40
CA THR B 220 -0.79 -33.90 8.99
C THR B 220 -1.43 -32.64 8.41
N TYR B 221 -2.52 -32.83 7.66
CA TYR B 221 -3.29 -31.69 7.19
C TYR B 221 -3.84 -30.90 8.38
N GLU B 222 -4.22 -31.63 9.44
CA GLU B 222 -4.72 -30.97 10.64
C GLU B 222 -3.61 -30.17 11.32
N GLU B 223 -2.39 -30.69 11.33
CA GLU B 223 -1.28 -29.99 11.99
C GLU B 223 -0.81 -28.80 11.16
N ALA B 224 -0.78 -28.94 9.83
CA ALA B 224 -0.39 -27.82 8.98
C ALA B 224 -1.42 -26.70 9.01
N LYS B 225 -2.71 -27.06 8.90
CA LYS B 225 -3.78 -26.07 8.95
C LYS B 225 -3.76 -25.25 10.23
N GLY B 226 -3.27 -25.83 11.33
CA GLY B 226 -3.19 -25.10 12.58
C GLY B 226 -1.91 -24.32 12.82
N ASP B 227 -0.89 -24.50 11.98
CA ASP B 227 0.38 -23.81 12.19
C ASP B 227 0.27 -22.39 11.68
N THR B 228 0.90 -21.45 12.40
CA THR B 228 0.81 -20.05 12.04
C THR B 228 1.62 -19.74 10.79
N LYS B 229 2.71 -20.48 10.56
CA LYS B 229 3.55 -20.27 9.40
C LYS B 229 2.76 -20.54 8.11
N PHE B 230 1.85 -21.51 8.15
CA PHE B 230 0.95 -21.76 7.03
C PHE B 230 0.12 -20.54 6.68
N TRP B 231 -0.44 -19.85 7.68
CA TRP B 231 -1.29 -18.71 7.36
C TRP B 231 -0.50 -17.45 7.05
N LEU B 232 0.74 -17.35 7.55
CA LEU B 232 1.61 -16.31 7.04
C LEU B 232 1.83 -16.50 5.54
N LEU B 233 2.07 -17.75 5.11
CA LEU B 233 2.21 -18.03 3.69
C LEU B 233 0.92 -17.74 2.93
N TYR B 234 -0.23 -18.10 3.51
CA TYR B 234 -1.53 -17.84 2.91
C TYR B 234 -1.74 -16.34 2.66
N LEU B 235 -1.44 -15.52 3.66
CA LEU B 235 -1.57 -14.08 3.49
C LEU B 235 -0.60 -13.55 2.45
N ALA B 236 0.66 -14.03 2.45
CA ALA B 236 1.61 -13.58 1.45
C ALA B 236 1.12 -13.88 0.05
N TYR B 237 0.59 -15.09 -0.11
CA TYR B 237 0.05 -15.55 -1.35
C TYR B 237 -1.07 -14.63 -1.80
N PHE B 238 -2.01 -14.39 -0.91
CA PHE B 238 -3.14 -13.52 -1.25
C PHE B 238 -2.64 -12.16 -1.69
N CYS B 239 -1.70 -11.58 -0.95
CA CYS B 239 -1.21 -10.24 -1.30
C CYS B 239 -0.57 -10.23 -2.68
N GLY B 240 0.31 -11.18 -2.96
CA GLY B 240 0.99 -11.18 -4.24
C GLY B 240 0.04 -11.43 -5.39
N SER B 241 -0.81 -12.46 -5.26
CA SER B 241 -1.79 -12.76 -6.28
C SER B 241 -2.72 -11.58 -6.53
N PHE B 242 -3.19 -10.94 -5.45
CA PHE B 242 -4.12 -9.81 -5.58
C PHE B 242 -3.46 -8.64 -6.29
N ALA B 243 -2.24 -8.29 -5.88
CA ALA B 243 -1.55 -7.16 -6.50
C ALA B 243 -1.35 -7.40 -7.98
N GLY B 244 -0.83 -8.57 -8.34
CA GLY B 244 -0.62 -8.85 -9.75
C GLY B 244 -1.92 -8.77 -10.53
N LEU B 245 -2.94 -9.51 -10.09
CA LEU B 245 -4.19 -9.51 -10.83
C LEU B 245 -4.80 -8.11 -10.87
N MET B 246 -4.48 -7.28 -9.89
CA MET B 246 -5.01 -5.93 -9.82
C MET B 246 -4.37 -4.99 -10.85
N VAL B 247 -3.09 -5.16 -11.18
CA VAL B 247 -2.41 -4.24 -12.11
C VAL B 247 -2.10 -4.83 -13.49
N ILE B 248 -2.00 -6.15 -13.61
CA ILE B 248 -1.56 -6.75 -14.87
C ILE B 248 -2.48 -6.30 -16.00
N GLY B 249 -3.80 -6.33 -15.76
CA GLY B 249 -4.77 -5.89 -16.74
C GLY B 249 -4.60 -4.42 -17.13
N HIS B 250 -4.09 -3.60 -16.22
CA HIS B 250 -3.90 -2.18 -16.47
C HIS B 250 -2.59 -1.84 -17.16
N LEU B 251 -1.65 -2.78 -17.25
CA LEU B 251 -0.33 -2.42 -17.79
C LEU B 251 -0.43 -1.80 -19.18
N ALA B 252 -1.16 -2.44 -20.10
CA ALA B 252 -1.20 -1.93 -21.47
C ALA B 252 -1.93 -0.59 -21.55
N GLY B 253 -2.99 -0.44 -20.76
CA GLY B 253 -3.67 0.85 -20.72
C GLY B 253 -2.77 1.93 -20.16
N PHE B 254 -1.97 1.60 -19.15
CA PHE B 254 -1.00 2.53 -18.59
C PHE B 254 -0.01 2.95 -19.67
N GLY B 255 0.49 1.98 -20.43
CA GLY B 255 1.41 2.32 -21.51
C GLY B 255 0.80 3.28 -22.51
N ARG B 256 -0.45 2.99 -22.93
CA ARG B 256 -1.11 3.87 -23.90
C ARG B 256 -1.34 5.26 -23.32
N ASP B 257 -1.74 5.34 -22.05
CA ASP B 257 -1.97 6.63 -21.41
C ASP B 257 -0.68 7.43 -21.32
N ALA B 258 0.45 6.75 -21.12
CA ALA B 258 1.74 7.43 -21.04
C ALA B 258 2.14 8.06 -22.36
N GLY B 259 1.50 7.66 -23.47
CA GLY B 259 1.81 8.22 -24.78
C GLY B 259 2.14 7.25 -25.90
N LEU B 260 2.31 5.96 -25.57
CA LEU B 260 2.59 4.96 -26.58
C LEU B 260 1.34 4.67 -27.42
N THR B 261 1.55 4.11 -28.61
CA THR B 261 0.43 3.59 -29.38
C THR B 261 -0.09 2.29 -28.78
N ALA B 262 -1.35 1.99 -29.07
CA ALA B 262 -1.93 0.73 -28.60
C ALA B 262 -1.14 -0.45 -29.11
N MET B 263 -0.71 -0.40 -30.37
CA MET B 263 0.11 -1.45 -30.94
C MET B 263 1.41 -1.59 -30.16
N ALA B 264 2.08 -0.47 -29.90
CA ALA B 264 3.37 -0.52 -29.21
C ALA B 264 3.21 -0.89 -27.75
N ALA B 265 2.29 -0.22 -27.04
CA ALA B 265 2.10 -0.52 -25.62
C ALA B 265 1.71 -1.97 -25.41
N ALA B 266 0.78 -2.47 -26.22
CA ALA B 266 0.34 -3.85 -26.10
C ALA B 266 1.46 -4.82 -26.45
N GLY B 267 2.24 -4.53 -27.51
CA GLY B 267 3.41 -5.34 -27.79
C GLY B 267 4.38 -5.39 -26.61
N ALA B 268 4.67 -4.23 -26.03
CA ALA B 268 5.57 -4.19 -24.88
C ALA B 268 5.04 -5.05 -23.75
N VAL B 269 3.77 -4.86 -23.39
CA VAL B 269 3.20 -5.63 -22.29
C VAL B 269 3.12 -7.12 -22.60
N SER B 270 3.10 -7.49 -23.88
CA SER B 270 2.93 -8.89 -24.25
C SER B 270 4.10 -9.78 -23.81
N SER B 271 5.27 -9.22 -23.50
CA SER B 271 6.38 -10.06 -23.04
C SER B 271 6.12 -10.70 -21.67
N LEU B 272 5.17 -10.13 -20.92
CA LEU B 272 4.84 -10.67 -19.61
C LEU B 272 4.47 -12.15 -19.70
N ALA B 273 3.86 -12.57 -20.81
CA ALA B 273 3.45 -13.96 -20.95
C ALA B 273 4.66 -14.89 -20.99
N PHE B 274 5.67 -14.55 -21.80
CA PHE B 274 6.89 -15.35 -21.85
C PHE B 274 7.48 -15.49 -20.47
N SER B 275 7.63 -14.35 -19.76
CA SER B 275 8.32 -14.41 -18.47
C SER B 275 7.51 -15.19 -17.43
N ASN B 276 6.17 -15.00 -17.44
CA ASN B 276 5.29 -15.71 -16.54
C ASN B 276 5.41 -17.22 -16.74
N ALA B 277 5.56 -17.65 -18.00
CA ALA B 277 5.73 -19.08 -18.26
C ALA B 277 7.09 -19.57 -17.77
N ALA B 278 8.16 -18.92 -18.23
CA ALA B 278 9.50 -19.42 -17.95
C ALA B 278 9.80 -19.48 -16.46
N THR B 279 9.36 -18.48 -15.69
CA THR B 279 9.73 -18.43 -14.28
C THR B 279 9.27 -19.65 -13.52
N ARG B 280 8.16 -20.26 -13.94
CA ARG B 280 7.59 -21.37 -13.18
C ARG B 280 8.55 -22.56 -13.11
N ILE B 281 9.31 -22.80 -14.17
CA ILE B 281 10.31 -23.86 -14.14
C ILE B 281 11.66 -23.34 -13.67
N LEU B 282 12.05 -22.13 -14.12
CA LEU B 282 13.38 -21.63 -13.80
C LEU B 282 13.53 -21.36 -12.31
N SER B 283 12.54 -20.69 -11.70
CA SER B 283 12.57 -20.47 -10.27
C SER B 283 12.54 -21.79 -9.51
N GLY B 284 11.79 -22.78 -10.03
CA GLY B 284 11.74 -24.08 -9.38
C GLY B 284 13.09 -24.77 -9.32
N TRP B 285 13.74 -24.89 -10.46
CA TRP B 285 15.08 -25.49 -10.48
C TRP B 285 16.06 -24.66 -9.66
N PHE B 286 15.95 -23.34 -9.74
CA PHE B 286 16.88 -22.46 -9.04
C PHE B 286 16.78 -22.61 -7.53
N VAL B 287 15.56 -22.63 -6.99
CA VAL B 287 15.42 -22.81 -5.55
C VAL B 287 15.70 -24.25 -5.15
N ASP B 288 15.49 -25.20 -6.08
CA ASP B 288 16.03 -26.54 -5.87
C ASP B 288 17.52 -26.48 -5.58
N LYS B 289 18.23 -25.62 -6.32
CA LYS B 289 19.67 -25.56 -6.15
C LYS B 289 20.08 -24.73 -4.93
N ILE B 290 19.38 -23.65 -4.64
CA ILE B 290 19.83 -22.69 -3.63
C ILE B 290 18.83 -22.43 -2.51
N GLY B 291 17.62 -22.96 -2.56
CA GLY B 291 16.69 -22.67 -1.49
C GLY B 291 15.69 -21.59 -1.86
N ILE B 292 14.59 -21.55 -1.10
CA ILE B 292 13.41 -20.77 -1.48
C ILE B 292 13.44 -19.37 -0.88
N ARG B 293 13.66 -19.28 0.43
CA ARG B 293 13.17 -18.13 1.21
C ARG B 293 13.70 -16.80 0.68
N VAL B 294 15.01 -16.70 0.49
CA VAL B 294 15.60 -15.42 0.14
C VAL B 294 15.29 -15.04 -1.31
N TYR B 295 15.43 -16.00 -2.23
CA TYR B 295 15.05 -15.75 -3.63
C TYR B 295 13.57 -15.40 -3.74
N PHE B 296 12.72 -16.12 -3.00
CA PHE B 296 11.28 -15.83 -3.00
C PHE B 296 11.02 -14.40 -2.50
N ALA B 297 11.64 -14.05 -1.37
CA ALA B 297 11.48 -12.69 -0.83
C ALA B 297 12.01 -11.65 -1.79
N ALA B 298 13.12 -11.93 -2.48
CA ALA B 298 13.66 -10.99 -3.45
C ALA B 298 12.70 -10.79 -4.62
N LEU B 299 12.09 -11.86 -5.12
CA LEU B 299 11.08 -11.72 -6.16
C LEU B 299 9.92 -10.84 -5.70
N PHE B 300 9.45 -11.02 -4.47
CA PHE B 300 8.39 -10.16 -3.95
C PHE B 300 8.83 -8.69 -3.93
N ALA B 301 10.03 -8.43 -3.41
CA ALA B 301 10.55 -7.07 -3.37
C ALA B 301 10.65 -6.48 -4.77
N LEU B 302 11.09 -7.27 -5.74
CA LEU B 302 11.22 -6.80 -7.10
C LEU B 302 9.86 -6.44 -7.67
N GLN B 303 8.82 -7.20 -7.30
CA GLN B 303 7.45 -6.86 -7.70
C GLN B 303 7.04 -5.50 -7.14
N THR B 304 7.36 -5.25 -5.86
CA THR B 304 7.10 -3.94 -5.26
C THR B 304 7.75 -2.82 -6.07
N ALA B 305 9.05 -2.99 -6.33
CA ALA B 305 9.79 -2.01 -7.12
C ALA B 305 9.17 -1.80 -8.48
N ALA B 306 8.67 -2.86 -9.13
CA ALA B 306 8.12 -2.71 -10.48
C ALA B 306 6.83 -1.92 -10.44
N MET B 307 5.94 -2.26 -9.49
CA MET B 307 4.72 -1.47 -9.35
C MET B 307 5.05 0.00 -9.18
N ILE B 308 6.15 0.31 -8.49
CA ILE B 308 6.51 1.72 -8.36
C ILE B 308 7.17 2.27 -9.62
N ALA B 309 8.00 1.48 -10.30
CA ALA B 309 8.84 2.00 -11.38
C ALA B 309 8.09 2.19 -12.69
N ILE B 310 6.95 1.51 -12.89
CA ILE B 310 6.21 1.72 -14.14
C ILE B 310 5.91 3.20 -14.35
N PHE B 311 5.79 3.98 -13.27
CA PHE B 311 5.52 5.42 -13.42
C PHE B 311 6.67 6.16 -14.07
N GLN B 312 7.89 5.63 -13.96
CA GLN B 312 9.00 6.23 -14.67
C GLN B 312 9.23 5.59 -16.04
N LEU B 313 9.03 4.27 -16.14
CA LEU B 313 9.37 3.53 -17.35
C LEU B 313 8.18 3.21 -18.24
N GLY B 314 6.95 3.48 -17.80
CA GLY B 314 5.81 3.01 -18.57
C GLY B 314 5.61 3.70 -19.89
N GLY B 315 6.38 4.76 -20.16
CA GLY B 315 6.23 5.57 -21.34
C GLY B 315 7.19 5.27 -22.47
N SER B 316 7.91 4.15 -22.42
CA SER B 316 8.77 3.72 -23.51
C SER B 316 8.59 2.22 -23.70
N VAL B 317 8.58 1.79 -24.98
CA VAL B 317 8.40 0.39 -25.30
C VAL B 317 9.38 -0.47 -24.50
N VAL B 318 10.65 -0.05 -24.45
CA VAL B 318 11.65 -0.82 -23.74
C VAL B 318 11.37 -0.81 -22.24
N GLY B 319 11.10 0.36 -21.67
CA GLY B 319 10.84 0.43 -20.23
C GLY B 319 9.59 -0.31 -19.83
N LEU B 320 8.49 -0.10 -20.55
CA LEU B 320 7.25 -0.82 -20.26
C LEU B 320 7.43 -2.31 -20.46
N SER B 321 8.19 -2.71 -21.49
CA SER B 321 8.51 -4.11 -21.71
C SER B 321 9.24 -4.69 -20.51
N ILE B 322 10.24 -3.97 -20.01
CA ILE B 322 10.99 -4.42 -18.86
C ILE B 322 10.05 -4.60 -17.67
N VAL B 323 9.19 -3.61 -17.45
CA VAL B 323 8.25 -3.69 -16.33
C VAL B 323 7.34 -4.91 -16.48
N ALA B 324 6.80 -5.12 -17.68
CA ALA B 324 5.90 -6.26 -17.90
C ALA B 324 6.64 -7.57 -17.71
N ILE B 325 7.89 -7.65 -18.17
CA ILE B 325 8.68 -8.87 -18.02
C ILE B 325 8.91 -9.17 -16.55
N VAL B 326 9.26 -8.15 -15.76
CA VAL B 326 9.52 -8.36 -14.34
C VAL B 326 8.26 -8.79 -13.62
N ILE B 327 7.14 -8.09 -13.87
CA ILE B 327 5.88 -8.44 -13.22
C ILE B 327 5.52 -9.89 -13.51
N GLY B 328 5.62 -10.27 -14.79
CA GLY B 328 5.33 -11.66 -15.14
C GLY B 328 6.22 -12.63 -14.39
N TRP B 329 7.53 -12.33 -14.32
CA TRP B 329 8.44 -13.25 -13.66
C TRP B 329 8.03 -13.48 -12.22
N ASN B 330 7.84 -12.39 -11.47
CA ASN B 330 7.54 -12.53 -10.04
C ASN B 330 6.18 -13.22 -9.84
N TYR B 331 5.17 -12.74 -10.57
CA TYR B 331 3.83 -13.33 -10.49
C TYR B 331 3.88 -14.83 -10.72
N GLY B 332 4.38 -15.27 -11.87
CA GLY B 332 4.47 -16.70 -12.14
C GLY B 332 5.25 -17.45 -11.09
N ALA B 333 6.40 -16.91 -10.67
CA ALA B 333 7.24 -17.58 -9.70
C ALA B 333 6.50 -17.91 -8.42
N MET B 334 5.53 -17.04 -8.02
CA MET B 334 4.73 -17.35 -6.83
C MET B 334 4.19 -18.77 -6.85
N PHE B 335 3.69 -19.20 -8.00
CA PHE B 335 2.95 -20.46 -8.07
C PHE B 335 3.86 -21.68 -8.13
N THR B 336 5.17 -21.49 -8.23
CA THR B 336 6.11 -22.55 -7.92
C THR B 336 6.59 -22.45 -6.48
N LEU B 337 6.92 -21.24 -6.05
CA LEU B 337 7.65 -21.10 -4.79
C LEU B 337 6.72 -21.29 -3.59
N PHE B 338 5.47 -20.85 -3.67
CA PHE B 338 4.52 -21.13 -2.61
C PHE B 338 4.26 -22.63 -2.44
N PRO B 339 3.94 -23.40 -3.50
CA PRO B 339 3.85 -24.85 -3.27
C PRO B 339 5.17 -25.44 -2.81
N ALA B 340 6.29 -24.96 -3.37
CA ALA B 340 7.59 -25.42 -2.89
C ALA B 340 7.81 -25.04 -1.43
N THR B 341 7.44 -23.82 -1.04
CA THR B 341 7.59 -23.41 0.35
C THR B 341 6.75 -24.28 1.27
N CYS B 342 5.48 -24.47 0.91
CA CYS B 342 4.58 -25.30 1.69
C CYS B 342 5.10 -26.72 1.81
N LEU B 343 5.65 -27.25 0.70
CA LEU B 343 6.25 -28.58 0.70
C LEU B 343 7.43 -28.64 1.65
N GLN B 344 8.26 -27.59 1.63
CA GLN B 344 9.38 -27.49 2.57
C GLN B 344 8.90 -27.48 4.01
N PHE B 345 7.84 -26.73 4.30
CA PHE B 345 7.41 -26.55 5.68
C PHE B 345 6.76 -27.82 6.23
N TYR B 346 5.82 -28.41 5.49
CA TYR B 346 4.94 -29.41 6.08
C TYR B 346 5.02 -30.82 5.50
N GLY B 347 5.80 -31.04 4.44
CA GLY B 347 5.93 -32.37 3.86
C GLY B 347 4.86 -32.70 2.84
N PRO B 348 5.06 -33.80 2.08
CA PRO B 348 4.19 -34.08 0.91
C PRO B 348 3.01 -35.03 1.07
N THR B 349 2.90 -35.82 2.14
CA THR B 349 1.83 -36.83 2.18
C THR B 349 0.46 -36.16 2.20
N ALA B 350 0.31 -35.06 2.94
CA ALA B 350 -0.90 -34.28 2.94
C ALA B 350 -0.78 -33.02 2.08
N GLN B 351 0.16 -33.00 1.14
CA GLN B 351 0.40 -31.80 0.35
C GLN B 351 -0.81 -31.42 -0.49
N GLY B 352 -1.58 -32.41 -0.94
CA GLY B 352 -2.80 -32.09 -1.66
C GLY B 352 -3.73 -31.22 -0.83
N SER B 353 -4.05 -31.67 0.38
CA SER B 353 -4.95 -30.89 1.24
C SER B 353 -4.31 -29.57 1.62
N ASN B 354 -3.03 -29.59 2.00
CA ASN B 354 -2.35 -28.40 2.48
C ASN B 354 -2.31 -27.32 1.40
N TYR B 355 -1.84 -27.68 0.19
CA TYR B 355 -1.72 -26.68 -0.85
C TYR B 355 -3.07 -26.29 -1.43
N GLY B 356 -4.06 -27.19 -1.47
CA GLY B 356 -5.38 -26.74 -1.88
C GLY B 356 -5.93 -25.67 -0.96
N LEU B 357 -5.82 -25.91 0.35
CA LEU B 357 -6.19 -24.88 1.32
C LEU B 357 -5.42 -23.59 1.05
N LEU B 358 -4.10 -23.71 0.83
CA LEU B 358 -3.29 -22.52 0.58
C LEU B 358 -3.74 -21.76 -0.67
N PHE B 359 -4.07 -22.51 -1.74
CA PHE B 359 -4.37 -21.91 -3.04
C PHE B 359 -5.74 -21.23 -3.06
N THR B 360 -6.62 -21.58 -2.12
CA THR B 360 -7.89 -20.83 -2.06
C THR B 360 -7.66 -19.33 -1.89
N ALA B 361 -6.52 -18.93 -1.31
CA ALA B 361 -6.16 -17.52 -1.27
C ALA B 361 -6.06 -16.95 -2.68
N CYS B 362 -5.35 -17.66 -3.55
CA CYS B 362 -5.26 -17.26 -4.95
C CYS B 362 -6.63 -17.26 -5.61
N GLY B 363 -7.51 -18.16 -5.17
CA GLY B 363 -8.88 -18.12 -5.67
C GLY B 363 -9.59 -16.81 -5.33
N LEU B 364 -9.52 -16.42 -4.05
CA LEU B 364 -10.15 -15.19 -3.60
C LEU B 364 -9.58 -13.99 -4.34
N ALA B 365 -8.25 -13.93 -4.45
CA ALA B 365 -7.61 -12.84 -5.19
C ALA B 365 -8.05 -12.82 -6.65
N GLY B 366 -8.05 -13.98 -7.31
CA GLY B 366 -8.47 -14.02 -8.71
C GLY B 366 -9.90 -13.57 -8.88
N PHE B 367 -10.74 -13.80 -7.89
CA PHE B 367 -12.11 -13.28 -7.95
C PHE B 367 -12.12 -11.76 -7.85
N ALA B 368 -11.50 -11.19 -6.81
CA ALA B 368 -11.77 -9.79 -6.46
C ALA B 368 -10.78 -8.80 -7.08
N GLY B 369 -9.50 -9.15 -7.15
CA GLY B 369 -8.43 -8.25 -7.53
C GLY B 369 -8.62 -7.44 -8.79
N PRO B 370 -8.96 -8.08 -9.91
CA PRO B 370 -9.16 -7.31 -11.16
C PRO B 370 -10.26 -6.26 -11.03
N TRP B 371 -11.39 -6.62 -10.43
CA TRP B 371 -12.44 -5.64 -10.22
C TRP B 371 -11.98 -4.50 -9.32
N VAL B 372 -11.32 -4.82 -8.20
CA VAL B 372 -10.88 -3.77 -7.28
C VAL B 372 -9.92 -2.81 -7.96
N GLY B 373 -8.96 -3.34 -8.72
CA GLY B 373 -8.02 -2.48 -9.44
C GLY B 373 -8.72 -1.55 -10.41
N GLY B 374 -9.62 -2.10 -11.24
CA GLY B 374 -10.38 -1.26 -12.13
C GLY B 374 -11.18 -0.21 -11.38
N TRP B 375 -11.74 -0.59 -10.23
CA TRP B 375 -12.56 0.34 -9.45
C TRP B 375 -11.73 1.51 -8.95
N LEU B 376 -10.54 1.22 -8.41
CA LEU B 376 -9.66 2.28 -7.95
C LEU B 376 -9.24 3.20 -9.10
N LYS B 377 -8.89 2.62 -10.25
CA LYS B 377 -8.55 3.43 -11.42
C LYS B 377 -9.68 4.39 -11.79
N ASP B 378 -10.91 3.87 -11.92
CA ASP B 378 -12.04 4.72 -12.29
C ASP B 378 -12.28 5.80 -11.23
N THR B 379 -12.28 5.39 -9.97
CA THR B 379 -12.47 6.32 -8.85
C THR B 379 -11.53 7.52 -8.95
N THR B 380 -10.22 7.28 -9.05
CA THR B 380 -9.29 8.40 -9.03
C THR B 380 -9.11 9.01 -10.41
N GLY B 381 -9.48 8.30 -11.47
CA GLY B 381 -9.17 8.73 -12.82
C GLY B 381 -7.72 8.56 -13.19
N THR B 382 -6.92 7.99 -12.28
CA THR B 382 -5.48 7.89 -12.45
C THR B 382 -5.04 6.49 -12.02
N TYR B 383 -3.82 6.14 -12.42
CA TYR B 383 -3.26 4.85 -12.10
C TYR B 383 -2.54 4.83 -10.76
N TYR B 384 -2.44 5.98 -10.08
CA TYR B 384 -1.69 6.03 -8.83
C TYR B 384 -2.28 5.09 -7.79
N LEU B 385 -3.59 5.11 -7.61
CA LEU B 385 -4.17 4.29 -6.55
C LEU B 385 -3.99 2.79 -6.75
N PRO B 386 -4.37 2.19 -7.89
CA PRO B 386 -4.22 0.72 -7.98
C PRO B 386 -2.79 0.26 -7.89
N PHE B 387 -1.85 0.95 -8.56
CA PHE B 387 -0.45 0.56 -8.49
C PHE B 387 0.11 0.75 -7.08
N LEU B 388 -0.32 1.82 -6.39
CA LEU B 388 0.17 2.03 -5.02
C LEU B 388 -0.37 0.97 -4.08
N CYS B 389 -1.63 0.56 -4.26
CA CYS B 389 -2.16 -0.51 -3.44
C CYS B 389 -1.43 -1.81 -3.70
N ALA B 390 -1.20 -2.13 -4.97
CA ALA B 390 -0.46 -3.35 -5.31
C ALA B 390 0.95 -3.33 -4.73
N ALA B 391 1.60 -2.17 -4.76
CA ALA B 391 2.95 -2.08 -4.20
C ALA B 391 2.93 -2.29 -2.70
N ALA B 392 1.93 -1.72 -2.01
CA ALA B 392 1.83 -1.95 -0.57
C ALA B 392 1.65 -3.43 -0.26
N LEU B 393 0.77 -4.10 -1.02
CA LEU B 393 0.57 -5.53 -0.83
C LEU B 393 1.86 -6.31 -1.04
N CYS B 394 2.62 -5.97 -2.09
CA CYS B 394 3.87 -6.69 -2.33
C CYS B 394 4.91 -6.42 -1.25
N ALA B 395 4.93 -5.21 -0.70
CA ALA B 395 5.86 -4.95 0.41
C ALA B 395 5.53 -5.84 1.60
N LEU B 396 4.25 -5.89 1.99
CA LEU B 396 3.82 -6.75 3.09
C LEU B 396 4.21 -8.21 2.82
N GLY B 397 3.93 -8.70 1.62
CA GLY B 397 4.30 -10.07 1.28
C GLY B 397 5.80 -10.31 1.34
N THR B 398 6.59 -9.33 0.89
CA THR B 398 8.05 -9.44 1.02
C THR B 398 8.44 -9.66 2.47
N ALA B 399 7.85 -8.85 3.36
CA ALA B 399 8.17 -8.96 4.78
C ALA B 399 7.85 -10.37 5.29
N ILE B 400 6.66 -10.86 4.95
CA ILE B 400 6.26 -12.19 5.41
C ILE B 400 7.20 -13.26 4.87
N VAL B 401 7.41 -13.29 3.55
CA VAL B 401 8.20 -14.35 2.93
C VAL B 401 9.62 -14.35 3.46
N PHE B 402 10.20 -13.18 3.68
CA PHE B 402 11.57 -13.15 4.20
C PHE B 402 11.61 -13.58 5.65
N MET B 403 10.64 -13.14 6.47
CA MET B 403 10.71 -13.40 7.89
C MET B 403 10.17 -14.78 8.29
N THR B 404 9.53 -15.51 7.40
CA THR B 404 8.93 -16.80 7.75
C THR B 404 9.90 -17.93 7.46
N LYS B 405 10.48 -18.51 8.51
CA LYS B 405 11.38 -19.66 8.47
C LYS B 405 10.66 -20.94 8.84
N PRO B 406 11.19 -22.09 8.43
CA PRO B 406 10.43 -23.35 8.49
C PRO B 406 10.08 -23.75 9.91
N PRO B 407 9.00 -24.54 10.08
CA PRO B 407 8.53 -25.15 11.33
C PRO B 407 9.36 -26.36 11.73
C 2OP C . 1.49 16.72 12.60
O 2OP C . 0.75 15.74 12.89
CB 2OP C . 0.31 17.49 10.61
OHN 2OP C . 1.96 18.82 11.74
CA 2OP C . 0.90 17.95 11.94
OXT 2OP C . 2.72 16.73 12.84
C1 BNG D . 5.48 14.32 -12.11
C2 BNG D . 5.29 15.82 -11.90
C3 BNG D . 6.30 16.66 -12.62
C4 BNG D . 7.72 16.17 -12.51
C5 BNG D . 7.88 14.65 -12.68
C6 BNG D . 9.26 14.18 -12.32
C1' BNG D . 4.58 12.20 -11.62
C2' BNG D . 4.81 11.41 -10.31
C3' BNG D . 3.85 11.97 -9.25
C4' BNG D . 3.62 10.89 -8.16
C5' BNG D . 2.44 11.26 -7.23
C6' BNG D . 2.10 10.08 -6.27
C7' BNG D . 0.87 10.42 -5.38
C8' BNG D . 0.47 9.20 -4.49
C9' BNG D . -0.53 9.61 -3.39
O1 BNG D . 4.65 13.58 -11.32
O2 BNG D . 3.96 16.15 -12.36
O3 BNG D . 6.19 18.04 -12.17
O4 BNG D . 8.57 16.82 -13.46
O5 BNG D . 6.90 13.88 -11.91
O6 BNG D . 9.26 12.85 -11.89
C 2OP E . -4.35 -16.51 -16.48
O 2OP E . -5.21 -15.64 -16.17
CB 2OP E . -4.30 -17.01 -14.02
OHN 2OP E . -2.31 -17.29 -15.37
CA 2OP E . -3.72 -17.39 -15.40
OXT 2OP E . -4.00 -16.63 -17.69
C 2OP F . -1.35 -19.32 -12.23
O 2OP F . -1.52 -18.25 -12.88
CB 2OP F . -3.43 -19.47 -10.82
OHN 2OP F . -1.97 -21.34 -11.19
CA 2OP F . -2.52 -20.20 -11.79
OXT 2OP F . -0.19 -19.71 -11.96
#